data_4L1W
#
_entry.id   4L1W
#
_cell.length_a   52.800
_cell.length_b   86.820
_cell.length_c   76.490
_cell.angle_alpha   90.00
_cell.angle_beta   105.96
_cell.angle_gamma   90.00
#
_symmetry.space_group_name_H-M   'P 1 21 1'
#
loop_
_entity.id
_entity.type
_entity.pdbx_description
1 polymer 'Aldo-keto reductase family 1 member C2'
2 non-polymer 'NADP NICOTINAMIDE-ADENINE-DINUCLEOTIDE PHOSPHATE'
3 non-polymer PROGESTERONE
4 non-polymer 'SULFATE ION'
5 water water
#
_entity_poly.entity_id   1
_entity_poly.type   'polypeptide(L)'
_entity_poly.pdbx_seq_one_letter_code
;SVDDSKYQCVKLNDGHFMPVLGFGTYAPAEVPKSKALEAVKLAIEAGFHHIDSAHVYNNEEQVGLAIRSKIADGSVKRED
IFYTSKLWSNSHRPELVRPALERSLKNLQLDYVDLYLIHFPVSVKPGEEVIPKDENGKILFDTVDLCATWEAMEKCKDAG
LAKSIGVSNFNHRLLEMILNKPGLKYKPVCNQVECHPYFNQRKLLDFCKSKDIVLVAYSALGSHREEPWVDPNSPVLLED
PVLCALAKKHKRTPALIALRYQLQRGVVVLAKSYNEQRIRQNVQVFEFQLTSEEMKAIDGLNRNVRYLTLDIFAGPPNYP
FSDEY
;
_entity_poly.pdbx_strand_id   A,B
#
loop_
_chem_comp.id
_chem_comp.type
_chem_comp.name
_chem_comp.formula
NAP non-polymer 'NADP NICOTINAMIDE-ADENINE-DINUCLEOTIDE PHOSPHATE' 'C21 H28 N7 O17 P3'
SO4 non-polymer 'SULFATE ION' 'O4 S -2'
STR non-polymer PROGESTERONE 'C21 H30 O2'
#
# COMPACT_ATOMS: atom_id res chain seq x y z
N SER A 1 -14.55 -15.50 2.69
CA SER A 1 -13.55 -14.56 2.08
C SER A 1 -14.04 -13.98 0.70
N VAL A 2 -14.29 -12.67 0.64
CA VAL A 2 -14.85 -12.06 -0.58
C VAL A 2 -13.91 -12.16 -1.80
N ASP A 3 -12.60 -11.98 -1.58
CA ASP A 3 -11.57 -12.06 -2.65
C ASP A 3 -10.15 -12.29 -2.04
N ASP A 4 -9.81 -13.56 -1.80
CA ASP A 4 -8.50 -13.87 -1.21
C ASP A 4 -7.39 -14.03 -2.27
N SER A 5 -7.74 -13.83 -3.55
CA SER A 5 -6.73 -13.98 -4.60
C SER A 5 -5.85 -12.72 -4.64
N LYS A 6 -6.33 -11.59 -4.12
CA LYS A 6 -5.50 -10.40 -3.96
C LYS A 6 -5.14 -10.07 -2.51
N TYR A 7 -4.06 -9.30 -2.35
CA TYR A 7 -3.62 -8.87 -1.02
C TYR A 7 -2.64 -7.70 -1.17
N GLN A 8 -2.41 -6.96 -0.10
CA GLN A 8 -1.57 -5.78 -0.14
C GLN A 8 -0.06 -6.04 -0.18
N CYS A 9 0.56 -5.46 -1.22
CA CYS A 9 1.96 -5.61 -1.52
C CYS A 9 2.63 -4.29 -1.84
N VAL A 10 3.95 -4.24 -1.65
CA VAL A 10 4.74 -3.08 -2.01
C VAL A 10 5.78 -3.51 -3.05
N LYS A 11 6.02 -2.62 -4.04
CA LYS A 11 7.02 -2.88 -5.06
C LYS A 11 8.41 -2.58 -4.53
N LEU A 12 9.31 -3.57 -4.58
CA LEU A 12 10.68 -3.40 -4.12
C LEU A 12 11.52 -2.81 -5.27
N ASN A 13 12.72 -2.35 -4.93
CA ASN A 13 13.56 -1.65 -5.90
C ASN A 13 14.12 -2.62 -6.94
N ASP A 14 13.87 -3.94 -6.85
CA ASP A 14 14.31 -4.85 -7.93
C ASP A 14 13.18 -5.34 -8.78
N GLY A 15 12.00 -4.75 -8.62
CA GLY A 15 10.82 -5.13 -9.37
C GLY A 15 9.94 -6.22 -8.73
N HIS A 16 10.42 -6.91 -7.72
CA HIS A 16 9.59 -7.93 -6.98
C HIS A 16 8.64 -7.26 -6.02
N PHE A 17 7.57 -7.96 -5.67
CA PHE A 17 6.52 -7.43 -4.78
C PHE A 17 6.55 -8.13 -3.42
N MET A 18 6.54 -7.32 -2.34
CA MET A 18 6.57 -7.83 -0.98
C MET A 18 5.24 -7.62 -0.30
N PRO A 19 4.58 -8.68 0.21
CA PRO A 19 3.34 -8.43 0.98
C PRO A 19 3.65 -7.58 2.19
N VAL A 20 2.79 -6.60 2.48
CA VAL A 20 3.08 -5.60 3.55
C VAL A 20 2.89 -6.09 5.01
N LEU A 21 2.31 -7.27 5.19
CA LEU A 21 2.19 -7.95 6.52
C LEU A 21 2.89 -9.32 6.48
N GLY A 22 3.87 -9.51 7.37
CA GLY A 22 4.67 -10.70 7.36
C GLY A 22 4.46 -11.48 8.67
N PHE A 23 4.53 -12.79 8.59
CA PHE A 23 4.40 -13.66 9.75
C PHE A 23 5.77 -13.98 10.29
N GLY A 24 6.00 -13.60 11.54
CA GLY A 24 7.26 -13.87 12.26
C GLY A 24 7.23 -15.29 12.80
N THR A 25 8.33 -15.97 12.75
CA THR A 25 8.34 -17.42 13.14
C THR A 25 9.25 -17.76 14.30
N TYR A 26 10.01 -16.79 14.80
CA TYR A 26 10.93 -17.06 15.92
C TYR A 26 10.10 -17.37 17.15
N ALA A 27 10.50 -18.42 17.86
CA ALA A 27 9.96 -18.71 19.20
C ALA A 27 11.07 -19.09 20.17
N PRO A 28 10.94 -18.68 21.46
CA PRO A 28 11.93 -19.02 22.43
C PRO A 28 12.22 -20.48 22.54
N ALA A 29 13.42 -20.75 23.02
CA ALA A 29 13.98 -22.09 23.09
C ALA A 29 13.09 -23.11 23.81
N GLU A 30 12.40 -22.70 24.85
CA GLU A 30 11.49 -23.63 25.57
C GLU A 30 10.30 -24.11 24.71
N VAL A 31 10.04 -23.47 23.56
CA VAL A 31 8.90 -23.87 22.71
C VAL A 31 9.32 -24.96 21.73
N PRO A 32 8.65 -26.12 21.71
CA PRO A 32 9.07 -27.14 20.75
C PRO A 32 8.78 -26.80 19.24
N LYS A 33 9.51 -27.40 18.31
CA LYS A 33 9.35 -27.04 16.89
C LYS A 33 8.07 -27.47 16.19
N SER A 34 7.38 -28.50 16.64
CA SER A 34 6.08 -28.85 16.02
C SER A 34 5.13 -27.67 16.01
N LYS A 35 5.40 -26.73 16.94
CA LYS A 35 4.57 -25.55 17.08
C LYS A 35 4.74 -24.64 15.87
N ALA A 36 5.95 -24.54 15.34
CA ALA A 36 6.21 -23.65 14.21
C ALA A 36 5.46 -24.15 12.98
N LEU A 37 5.42 -25.48 12.84
CA LEU A 37 4.71 -26.09 11.72
C LEU A 37 3.24 -25.68 11.68
N GLU A 38 2.57 -25.87 12.81
CA GLU A 38 1.16 -25.57 12.90
C GLU A 38 0.88 -24.04 12.75
N ALA A 39 1.67 -23.23 13.44
CA ALA A 39 1.48 -21.80 13.40
C ALA A 39 1.63 -21.27 11.96
N VAL A 40 2.60 -21.76 11.20
CA VAL A 40 2.72 -21.29 9.83
C VAL A 40 1.53 -21.70 8.96
N LYS A 41 1.04 -22.92 9.13
CA LYS A 41 -0.17 -23.32 8.47
C LYS A 41 -1.36 -22.44 8.84
N LEU A 42 -1.49 -22.12 10.12
CA LEU A 42 -2.57 -21.24 10.54
C LEU A 42 -2.45 -19.83 9.90
N ALA A 43 -1.23 -19.31 9.86
CA ALA A 43 -0.94 -17.97 9.30
C ALA A 43 -1.34 -17.90 7.86
N ILE A 44 -0.94 -18.93 7.12
CA ILE A 44 -1.27 -19.02 5.68
C ILE A 44 -2.78 -19.07 5.52
N GLU A 45 -3.43 -19.90 6.32
CA GLU A 45 -4.85 -20.03 6.28
C GLU A 45 -5.54 -18.72 6.64
N ALA A 46 -4.98 -17.92 7.56
CA ALA A 46 -5.57 -16.65 7.95
C ALA A 46 -5.37 -15.51 6.91
N GLY A 47 -4.51 -15.73 5.90
CA GLY A 47 -4.22 -14.70 4.88
C GLY A 47 -2.86 -14.03 4.91
N PHE A 48 -1.93 -14.55 5.71
CA PHE A 48 -0.56 -14.10 5.62
C PHE A 48 0.01 -14.70 4.33
N HIS A 49 0.73 -13.86 3.58
CA HIS A 49 1.40 -14.27 2.35
C HIS A 49 2.90 -14.03 2.44
N HIS A 50 3.38 -13.47 3.53
CA HIS A 50 4.80 -13.19 3.76
C HIS A 50 5.18 -13.92 5.07
N ILE A 51 6.24 -14.73 5.04
CA ILE A 51 6.70 -15.56 6.16
C ILE A 51 8.18 -15.33 6.34
N ASP A 52 8.56 -14.94 7.53
CA ASP A 52 9.91 -14.55 7.87
C ASP A 52 10.54 -15.57 8.84
N SER A 53 11.65 -16.17 8.37
CA SER A 53 12.48 -16.94 9.24
C SER A 53 13.99 -16.61 9.01
N ALA A 54 14.81 -17.55 9.45
CA ALA A 54 16.26 -17.42 9.46
C ALA A 54 16.90 -18.78 9.78
N HIS A 55 18.10 -19.02 9.27
CA HIS A 55 18.83 -20.19 9.63
C HIS A 55 18.99 -20.35 11.15
N VAL A 56 19.36 -19.28 11.85
CA VAL A 56 19.56 -19.44 13.28
C VAL A 56 18.30 -19.71 14.13
N TYR A 57 17.10 -19.51 13.61
CA TYR A 57 15.88 -19.77 14.42
C TYR A 57 15.65 -21.26 14.58
N ASN A 58 16.38 -22.05 13.81
CA ASN A 58 16.28 -23.50 13.87
C ASN A 58 14.85 -24.02 13.72
N ASN A 59 14.15 -23.50 12.70
CA ASN A 59 12.78 -23.93 12.41
C ASN A 59 12.48 -24.16 10.92
N GLU A 60 13.49 -24.03 10.06
CA GLU A 60 13.24 -23.95 8.68
C GLU A 60 12.68 -25.25 8.13
N GLU A 61 13.04 -26.38 8.72
CA GLU A 61 12.46 -27.67 8.32
C GLU A 61 10.96 -27.64 8.54
N GLN A 62 10.52 -27.09 9.65
CA GLN A 62 9.10 -27.01 10.01
C GLN A 62 8.36 -25.97 9.19
N VAL A 63 9.02 -24.83 8.95
CA VAL A 63 8.42 -23.73 8.22
C VAL A 63 8.26 -24.17 6.78
N GLY A 64 9.28 -24.83 6.24
CA GLY A 64 9.22 -25.35 4.89
C GLY A 64 8.11 -26.37 4.70
N LEU A 65 7.96 -27.26 5.66
CA LEU A 65 6.92 -28.27 5.58
C LEU A 65 5.51 -27.64 5.63
N ALA A 66 5.34 -26.63 6.48
CA ALA A 66 4.08 -25.92 6.51
C ALA A 66 3.75 -25.28 5.16
N ILE A 67 4.74 -24.61 4.55
CA ILE A 67 4.51 -23.97 3.24
C ILE A 67 4.17 -25.03 2.20
N ARG A 68 4.92 -26.12 2.14
CA ARG A 68 4.70 -27.13 1.09
C ARG A 68 3.39 -27.84 1.33
N SER A 69 3.03 -27.99 2.59
CA SER A 69 1.79 -28.66 2.93
C SER A 69 0.62 -27.80 2.44
N LYS A 70 0.72 -26.48 2.60
CA LYS A 70 -0.36 -25.59 2.18
C LYS A 70 -0.40 -25.35 0.67
N ILE A 71 0.70 -25.61 -0.02
CA ILE A 71 0.69 -25.62 -1.48
C ILE A 71 0.05 -26.91 -1.95
N ALA A 72 0.51 -28.01 -1.37
CA ALA A 72 0.04 -29.33 -1.78
C ALA A 72 -1.46 -29.57 -1.53
N ASP A 73 -2.04 -28.88 -0.56
CA ASP A 73 -3.47 -29.09 -0.27
C ASP A 73 -4.31 -28.05 -1.01
N GLY A 74 -3.69 -27.24 -1.87
CA GLY A 74 -4.39 -26.32 -2.72
C GLY A 74 -4.68 -24.96 -2.08
N SER A 75 -4.22 -24.68 -0.85
CA SER A 75 -4.62 -23.44 -0.19
C SER A 75 -3.91 -22.25 -0.82
N VAL A 76 -2.72 -22.48 -1.35
CA VAL A 76 -1.90 -21.40 -1.81
C VAL A 76 -0.92 -21.89 -2.87
N LYS A 77 -0.54 -21.00 -3.75
CA LYS A 77 0.50 -21.28 -4.75
C LYS A 77 1.86 -20.72 -4.26
N ARG A 78 2.97 -21.31 -4.72
CA ARG A 78 4.30 -20.88 -4.32
C ARG A 78 4.49 -19.37 -4.57
N GLU A 79 3.95 -18.90 -5.68
CA GLU A 79 4.16 -17.49 -6.07
C GLU A 79 3.38 -16.55 -5.23
N ASP A 80 2.41 -17.08 -4.46
CA ASP A 80 1.69 -16.25 -3.52
C ASP A 80 2.17 -16.42 -2.12
N ILE A 81 3.37 -16.98 -1.97
CA ILE A 81 4.09 -16.96 -0.68
C ILE A 81 5.40 -16.22 -0.90
N PHE A 82 5.66 -15.27 -0.02
CA PHE A 82 6.93 -14.54 0.02
C PHE A 82 7.69 -15.05 1.26
N TYR A 83 8.71 -15.87 1.04
CA TYR A 83 9.47 -16.49 2.13
C TYR A 83 10.86 -15.85 2.29
N THR A 84 11.15 -15.34 3.49
CA THR A 84 12.43 -14.75 3.82
C THR A 84 13.29 -15.67 4.71
N SER A 85 14.56 -15.85 4.33
CA SER A 85 15.56 -16.42 5.22
C SER A 85 16.68 -15.46 5.44
N LYS A 86 17.63 -15.87 6.29
CA LYS A 86 18.74 -14.97 6.68
C LYS A 86 20.00 -15.75 6.93
N LEU A 87 21.11 -15.14 6.46
CA LEU A 87 22.46 -15.60 6.54
C LEU A 87 23.08 -15.25 7.90
N TRP A 88 23.45 -16.29 8.67
CA TRP A 88 23.91 -16.06 10.02
C TRP A 88 25.37 -15.62 9.98
N SER A 89 25.82 -15.00 11.03
CA SER A 89 27.09 -14.27 11.02
C SER A 89 28.35 -15.12 10.94
N ASN A 90 28.22 -16.45 11.10
CA ASN A 90 29.37 -17.36 10.95
C ASN A 90 29.57 -17.79 9.52
N SER A 91 28.74 -17.26 8.61
CA SER A 91 28.85 -17.52 7.18
C SER A 91 28.95 -16.23 6.31
N HIS A 92 29.41 -15.13 6.91
CA HIS A 92 29.64 -13.85 6.14
C HIS A 92 30.76 -13.91 5.11
N ARG A 93 31.74 -14.76 5.35
CA ARG A 93 32.83 -14.88 4.37
C ARG A 93 32.21 -15.28 3.04
N PRO A 94 32.67 -14.64 1.94
CA PRO A 94 31.95 -14.73 0.71
C PRO A 94 31.88 -16.10 0.23
N GLU A 95 32.91 -16.89 0.49
CA GLU A 95 32.94 -18.33 0.12
C GLU A 95 31.87 -19.22 0.82
N LEU A 96 31.34 -18.74 1.92
CA LEU A 96 30.35 -19.52 2.71
C LEU A 96 28.85 -19.12 2.55
N VAL A 97 28.61 -18.06 1.76
CA VAL A 97 27.30 -17.43 1.70
C VAL A 97 26.38 -18.36 0.92
N ARG A 98 26.83 -18.73 -0.27
CA ARG A 98 26.02 -19.60 -1.05
C ARG A 98 25.78 -21.01 -0.36
N PRO A 99 26.81 -21.60 0.26
CA PRO A 99 26.55 -22.89 0.93
C PRO A 99 25.53 -22.72 2.04
N ALA A 100 25.54 -21.56 2.71
CA ALA A 100 24.57 -21.39 3.81
C ALA A 100 23.16 -21.25 3.22
N LEU A 101 23.02 -20.53 2.13
CA LEU A 101 21.72 -20.45 1.47
C LEU A 101 21.20 -21.84 0.98
N GLU A 102 22.09 -22.61 0.33
CA GLU A 102 21.76 -23.97 -0.14
C GLU A 102 21.33 -24.88 1.04
N ARG A 103 21.95 -24.65 2.19
CA ARG A 103 21.62 -25.41 3.33
C ARG A 103 20.25 -25.03 3.84
N SER A 104 19.94 -23.74 3.86
CA SER A 104 18.56 -23.34 4.24
C SER A 104 17.53 -23.96 3.31
N LEU A 105 17.81 -23.88 2.02
CA LEU A 105 16.92 -24.38 1.01
C LEU A 105 16.73 -25.92 1.14
N LYS A 106 17.79 -26.62 1.54
CA LYS A 106 17.69 -28.04 1.68
C LYS A 106 16.83 -28.37 2.90
N ASN A 107 17.00 -27.69 4.01
CA ASN A 107 16.11 -27.88 5.16
C ASN A 107 14.63 -27.52 4.85
N LEU A 108 14.45 -26.49 4.01
CA LEU A 108 13.13 -26.06 3.60
C LEU A 108 12.51 -27.00 2.55
N GLN A 109 13.35 -27.66 1.75
CA GLN A 109 12.89 -28.37 0.57
C GLN A 109 12.17 -27.39 -0.36
N LEU A 110 12.71 -26.18 -0.51
CA LEU A 110 12.23 -25.27 -1.52
C LEU A 110 13.35 -24.94 -2.49
N ASP A 111 13.01 -24.52 -3.69
CA ASP A 111 14.02 -24.26 -4.74
C ASP A 111 14.63 -22.86 -4.62
N TYR A 112 13.90 -21.95 -3.98
CA TYR A 112 14.33 -20.60 -3.83
C TYR A 112 13.69 -20.00 -2.62
N VAL A 113 14.38 -19.00 -2.03
CA VAL A 113 13.74 -18.04 -1.13
C VAL A 113 13.35 -16.78 -1.91
N ASP A 114 12.29 -16.14 -1.46
CA ASP A 114 11.92 -14.85 -2.00
C ASP A 114 12.81 -13.73 -1.60
N LEU A 115 13.39 -13.84 -0.39
CA LEU A 115 14.27 -12.81 0.16
C LEU A 115 15.35 -13.46 1.02
N TYR A 116 16.62 -13.08 0.81
CA TYR A 116 17.70 -13.51 1.70
C TYR A 116 18.38 -12.26 2.25
N LEU A 117 18.60 -12.25 3.55
CA LEU A 117 19.16 -11.09 4.25
C LEU A 117 20.44 -11.47 4.94
N ILE A 118 21.38 -10.53 4.97
CA ILE A 118 22.43 -10.57 5.96
C ILE A 118 21.75 -10.28 7.29
N HIS A 119 21.76 -11.26 8.19
CA HIS A 119 21.01 -11.16 9.42
C HIS A 119 21.50 -10.05 10.42
N PHE A 120 22.81 -9.94 10.57
CA PHE A 120 23.42 -9.05 11.55
C PHE A 120 24.83 -8.70 11.09
N PRO A 121 25.25 -7.43 11.19
CA PRO A 121 26.50 -7.05 10.47
C PRO A 121 27.84 -7.35 11.17
N VAL A 122 27.82 -7.96 12.34
CA VAL A 122 29.03 -8.33 13.05
C VAL A 122 29.31 -9.79 12.79
N SER A 123 30.44 -10.07 12.18
CA SER A 123 30.84 -11.38 11.74
C SER A 123 31.50 -12.13 12.86
N VAL A 124 31.26 -13.44 12.92
CA VAL A 124 31.94 -14.27 13.88
C VAL A 124 32.62 -15.39 13.12
N LYS A 125 33.57 -16.10 13.80
CA LYS A 125 34.34 -17.16 13.11
C LYS A 125 33.43 -18.25 12.55
N PRO A 126 33.75 -18.76 11.33
CA PRO A 126 32.99 -19.81 10.65
C PRO A 126 33.16 -21.10 11.39
N GLY A 127 32.21 -22.01 11.24
CA GLY A 127 32.26 -23.25 11.98
C GLY A 127 30.88 -23.63 12.41
N GLU A 128 30.82 -24.71 13.15
CA GLU A 128 29.54 -25.24 13.55
C GLU A 128 28.89 -24.40 14.67
N GLU A 129 29.65 -23.75 15.52
CA GLU A 129 29.09 -22.98 16.62
C GLU A 129 28.46 -21.69 16.02
N VAL A 130 27.21 -21.41 16.32
CA VAL A 130 26.65 -20.14 15.93
C VAL A 130 27.19 -18.93 16.72
N ILE A 131 27.70 -19.15 17.91
CA ILE A 131 28.41 -18.13 18.65
C ILE A 131 29.71 -18.70 19.21
N PRO A 132 30.75 -18.63 18.40
CA PRO A 132 32.02 -19.25 18.77
C PRO A 132 32.73 -18.44 19.85
N LYS A 133 33.23 -19.13 20.88
CA LYS A 133 33.92 -18.51 22.04
C LYS A 133 35.31 -19.03 22.27
N ASP A 134 36.15 -18.23 22.89
CA ASP A 134 37.51 -18.66 23.18
C ASP A 134 37.56 -19.25 24.58
N GLU A 135 38.76 -19.63 25.00
CA GLU A 135 38.95 -20.22 26.34
C GLU A 135 38.48 -19.36 27.50
N ASN A 136 38.40 -18.04 27.31
CA ASN A 136 37.99 -17.16 28.37
C ASN A 136 36.52 -16.82 28.23
N GLY A 137 35.79 -17.57 27.37
CA GLY A 137 34.39 -17.23 27.14
C GLY A 137 34.16 -15.99 26.26
N LYS A 138 35.18 -15.49 25.54
CA LYS A 138 34.96 -14.32 24.66
C LYS A 138 34.62 -14.72 23.26
N ILE A 139 33.65 -14.05 22.70
CA ILE A 139 33.22 -14.35 21.34
C ILE A 139 34.37 -14.13 20.41
N LEU A 140 34.54 -15.05 19.48
CA LEU A 140 35.56 -14.94 18.45
C LEU A 140 34.98 -14.19 17.23
N PHE A 141 35.22 -12.91 17.21
CA PHE A 141 34.85 -12.11 16.10
C PHE A 141 35.75 -12.40 14.89
N ASP A 142 35.21 -12.05 13.73
CA ASP A 142 35.88 -12.33 12.45
C ASP A 142 35.95 -11.00 11.70
N THR A 143 37.01 -10.77 10.94
CA THR A 143 37.13 -9.53 10.20
C THR A 143 36.72 -9.87 8.80
N VAL A 144 35.58 -9.44 8.35
CA VAL A 144 35.09 -9.76 7.01
C VAL A 144 34.60 -8.42 6.42
N ASP A 145 34.94 -8.20 5.18
CA ASP A 145 34.41 -7.06 4.47
C ASP A 145 32.96 -7.36 3.98
N LEU A 146 31.96 -6.71 4.54
CA LEU A 146 30.57 -7.02 4.12
C LEU A 146 30.27 -6.71 2.66
N CYS A 147 31.07 -5.82 2.01
CA CYS A 147 30.97 -5.63 0.60
C CYS A 147 31.21 -6.94 -0.13
N ALA A 148 32.13 -7.74 0.37
CA ALA A 148 32.40 -9.02 -0.27
C ALA A 148 31.27 -10.02 0.04
N THR A 149 30.72 -9.95 1.24
CA THR A 149 29.52 -10.69 1.59
C THR A 149 28.38 -10.31 0.63
N TRP A 150 28.15 -9.01 0.43
CA TRP A 150 27.10 -8.56 -0.46
C TRP A 150 27.25 -9.09 -1.92
N GLU A 151 28.48 -9.15 -2.40
CA GLU A 151 28.75 -9.63 -3.71
C GLU A 151 28.34 -11.06 -3.87
N ALA A 152 28.66 -11.89 -2.87
CA ALA A 152 28.17 -13.27 -2.87
C ALA A 152 26.63 -13.36 -2.83
N MET A 153 26.01 -12.42 -2.12
CA MET A 153 24.56 -12.36 -2.07
C MET A 153 24.05 -12.06 -3.48
N GLU A 154 24.72 -11.13 -4.18
CA GLU A 154 24.32 -10.82 -5.55
C GLU A 154 24.36 -12.03 -6.46
N LYS A 155 25.38 -12.84 -6.31
CA LYS A 155 25.49 -14.05 -7.10
C LYS A 155 24.36 -15.04 -6.77
N CYS A 156 23.97 -15.15 -5.50
CA CYS A 156 22.80 -15.97 -5.16
C CYS A 156 21.55 -15.48 -5.92
N LYS A 157 21.35 -14.18 -6.00
CA LYS A 157 20.21 -13.66 -6.77
C LYS A 157 20.37 -14.01 -8.24
N ASP A 158 21.58 -13.80 -8.80
CA ASP A 158 21.73 -14.11 -10.20
C ASP A 158 21.51 -15.59 -10.47
N ALA A 159 21.94 -16.48 -9.57
CA ALA A 159 21.68 -17.92 -9.75
C ALA A 159 20.17 -18.29 -9.55
N GLY A 160 19.33 -17.37 -9.08
CA GLY A 160 17.90 -17.65 -8.89
C GLY A 160 17.56 -18.22 -7.49
N LEU A 161 18.56 -18.42 -6.65
CA LEU A 161 18.30 -19.04 -5.35
C LEU A 161 17.64 -18.09 -4.38
N ALA A 162 17.79 -16.76 -4.62
CA ALA A 162 17.04 -15.73 -3.87
C ALA A 162 16.46 -14.77 -4.87
N LYS A 163 15.15 -14.56 -4.84
CA LYS A 163 14.58 -13.66 -5.83
C LYS A 163 15.05 -12.21 -5.55
N SER A 164 15.07 -11.84 -4.26
CA SER A 164 15.51 -10.53 -3.79
C SER A 164 16.53 -10.68 -2.65
N ILE A 165 17.40 -9.69 -2.49
CA ILE A 165 18.37 -9.66 -1.40
C ILE A 165 18.28 -8.39 -0.60
N GLY A 166 18.57 -8.47 0.67
CA GLY A 166 18.52 -7.25 1.52
C GLY A 166 19.34 -7.47 2.75
N VAL A 167 19.19 -6.59 3.72
CA VAL A 167 19.96 -6.64 4.96
C VAL A 167 19.04 -6.50 6.18
N SER A 168 19.64 -6.72 7.34
CA SER A 168 18.95 -6.59 8.62
C SER A 168 19.91 -6.07 9.65
N ASN A 169 19.37 -5.28 10.57
CA ASN A 169 20.18 -4.63 11.60
C ASN A 169 21.33 -3.78 11.07
N PHE A 170 21.10 -3.11 9.94
CA PHE A 170 22.15 -2.22 9.39
C PHE A 170 21.80 -0.83 9.81
N ASN A 171 22.80 -0.06 10.12
CA ASN A 171 22.63 1.34 10.41
C ASN A 171 22.92 2.20 9.14
N HIS A 172 22.77 3.50 9.27
CA HIS A 172 23.01 4.46 8.19
C HIS A 172 24.37 4.24 7.54
N ARG A 173 25.43 4.13 8.34
CA ARG A 173 26.77 3.98 7.77
C ARG A 173 26.94 2.70 6.97
N LEU A 174 26.46 1.59 7.53
CA LEU A 174 26.54 0.29 6.87
C LEU A 174 25.70 0.23 5.59
N LEU A 175 24.54 0.86 5.57
CA LEU A 175 23.79 0.91 4.36
C LEU A 175 24.54 1.74 3.28
N GLU A 176 25.10 2.88 3.64
CA GLU A 176 25.94 3.67 2.73
C GLU A 176 27.12 2.90 2.16
N MET A 177 27.76 2.08 2.98
CA MET A 177 28.89 1.27 2.54
C MET A 177 28.44 0.32 1.41
N ILE A 178 27.30 -0.36 1.59
CA ILE A 178 26.74 -1.17 0.52
C ILE A 178 26.28 -0.35 -0.71
N LEU A 179 25.53 0.73 -0.53
CA LEU A 179 25.10 1.57 -1.65
C LEU A 179 26.28 2.16 -2.45
N ASN A 180 27.40 2.47 -1.81
CA ASN A 180 28.62 3.00 -2.52
C ASN A 180 29.63 1.92 -2.96
N LYS A 181 29.30 0.66 -2.78
CA LYS A 181 30.18 -0.43 -3.13
C LYS A 181 30.62 -0.35 -4.59
N PRO A 182 31.94 -0.61 -4.87
CA PRO A 182 32.44 -0.71 -6.25
C PRO A 182 31.75 -1.87 -6.91
N GLY A 183 31.31 -1.63 -8.13
CA GLY A 183 30.66 -2.69 -8.90
C GLY A 183 29.28 -3.13 -8.34
N LEU A 184 28.62 -2.29 -7.57
CA LEU A 184 27.33 -2.67 -7.01
C LEU A 184 26.40 -3.13 -8.13
N LYS A 185 25.78 -4.27 -7.94
CA LYS A 185 24.83 -4.75 -8.93
C LYS A 185 23.40 -4.61 -8.42
N TYR A 186 23.11 -5.06 -7.18
CA TYR A 186 21.73 -4.95 -6.64
C TYR A 186 21.77 -4.25 -5.29
N LYS A 187 21.05 -3.15 -5.19
CA LYS A 187 20.78 -2.51 -3.95
C LYS A 187 20.04 -3.52 -3.02
N PRO A 188 20.22 -3.38 -1.75
CA PRO A 188 19.32 -4.15 -0.90
C PRO A 188 17.90 -3.67 -1.05
N VAL A 189 16.95 -4.61 -1.09
CA VAL A 189 15.59 -4.23 -1.20
C VAL A 189 15.01 -3.70 0.10
N CYS A 190 15.63 -4.05 1.20
CA CYS A 190 15.07 -3.77 2.54
C CYS A 190 16.12 -3.74 3.59
N ASN A 191 15.76 -3.11 4.70
CA ASN A 191 16.56 -3.16 5.92
C ASN A 191 15.59 -3.57 7.02
N GLN A 192 15.71 -4.79 7.52
CA GLN A 192 14.78 -5.27 8.55
C GLN A 192 15.38 -4.95 9.92
N VAL A 193 14.71 -4.12 10.67
CA VAL A 193 15.21 -3.63 11.93
C VAL A 193 14.07 -3.61 12.90
N GLU A 194 14.41 -3.44 14.18
CA GLU A 194 13.45 -3.27 15.26
C GLU A 194 12.69 -1.95 15.02
N CYS A 195 11.37 -1.98 15.09
CA CYS A 195 10.56 -0.79 14.88
C CYS A 195 9.19 -0.91 15.44
N HIS A 196 8.83 0.01 16.32
CA HIS A 196 7.57 0.02 17.05
C HIS A 196 7.42 1.42 17.66
N PRO A 197 6.27 1.73 18.26
CA PRO A 197 6.03 3.09 18.69
C PRO A 197 6.95 3.64 19.82
N TYR A 198 7.66 2.78 20.55
CA TYR A 198 8.67 3.22 21.48
C TYR A 198 10.07 3.41 20.84
N PHE A 199 10.22 2.96 19.60
CA PHE A 199 11.51 3.06 18.85
C PHE A 199 11.15 3.19 17.36
N ASN A 200 10.65 4.35 16.95
CA ASN A 200 9.93 4.40 15.67
C ASN A 200 10.86 4.58 14.43
N GLN A 201 12.16 4.66 14.69
CA GLN A 201 13.18 4.65 13.67
C GLN A 201 12.99 5.77 12.58
N ARG A 202 12.40 6.90 12.93
N ARG A 202 12.40 6.91 12.92
CA ARG A 202 12.09 7.88 11.88
CA ARG A 202 12.09 7.91 11.90
C ARG A 202 13.32 8.28 11.03
C ARG A 202 13.32 8.29 11.04
N LYS A 203 14.45 8.52 11.67
CA LYS A 203 15.61 8.95 10.91
C LYS A 203 16.09 7.85 9.96
N LEU A 204 16.19 6.63 10.45
CA LEU A 204 16.63 5.51 9.62
C LEU A 204 15.60 5.25 8.53
N LEU A 205 14.31 5.33 8.90
CA LEU A 205 13.24 5.14 7.93
C LEU A 205 13.33 6.18 6.78
N ASP A 206 13.45 7.44 7.11
CA ASP A 206 13.62 8.50 6.05
C ASP A 206 14.84 8.22 5.20
N PHE A 207 15.93 7.76 5.79
CA PHE A 207 17.07 7.49 4.96
C PHE A 207 16.74 6.35 3.97
N CYS A 208 16.10 5.27 4.48
CA CYS A 208 15.73 4.14 3.67
C CYS A 208 14.82 4.56 2.54
N LYS A 209 13.80 5.30 2.88
CA LYS A 209 12.89 5.84 1.83
C LYS A 209 13.62 6.66 0.73
N SER A 210 14.55 7.52 1.12
CA SER A 210 15.29 8.32 0.15
C SER A 210 16.05 7.45 -0.87
N LYS A 211 16.32 6.18 -0.50
CA LYS A 211 17.02 5.25 -1.36
C LYS A 211 16.15 4.19 -1.93
N ASP A 212 14.84 4.36 -1.78
CA ASP A 212 13.87 3.30 -2.09
C ASP A 212 14.24 1.90 -1.48
N ILE A 213 14.68 1.91 -0.23
CA ILE A 213 14.84 0.68 0.57
C ILE A 213 13.64 0.64 1.50
N VAL A 214 12.94 -0.48 1.49
CA VAL A 214 11.80 -0.69 2.39
C VAL A 214 12.32 -1.10 3.76
N LEU A 215 11.79 -0.42 4.79
CA LEU A 215 12.08 -0.78 6.17
C LEU A 215 11.06 -1.81 6.59
N VAL A 216 11.55 -2.90 7.17
CA VAL A 216 10.72 -4.03 7.61
C VAL A 216 10.90 -4.11 9.07
N ALA A 217 9.80 -3.92 9.78
CA ALA A 217 9.78 -3.82 11.26
C ALA A 217 9.67 -5.16 11.90
N TYR A 218 10.66 -5.48 12.74
CA TYR A 218 10.54 -6.58 13.68
C TYR A 218 10.37 -6.07 15.09
N SER A 219 9.92 -6.98 15.93
CA SER A 219 9.49 -6.64 17.31
C SER A 219 8.48 -5.54 17.30
N ALA A 220 7.64 -5.55 16.29
CA ALA A 220 6.66 -4.45 16.10
C ALA A 220 5.57 -4.53 17.15
N LEU A 221 5.47 -5.65 17.88
CA LEU A 221 4.51 -5.76 19.00
C LEU A 221 5.22 -5.69 20.31
N GLY A 222 6.47 -5.23 20.30
CA GLY A 222 7.21 -5.15 21.56
C GLY A 222 8.17 -6.28 21.87
N SER A 223 8.38 -7.16 20.91
CA SER A 223 9.33 -8.31 20.99
C SER A 223 8.82 -9.51 21.77
N HIS A 224 9.48 -10.62 21.59
CA HIS A 224 9.26 -11.83 22.34
C HIS A 224 9.66 -11.73 23.80
N ARG A 225 10.40 -10.71 24.18
CA ARG A 225 10.77 -10.50 25.60
C ARG A 225 11.55 -11.68 26.28
N GLU A 226 12.21 -12.48 25.47
CA GLU A 226 12.98 -13.63 25.92
C GLU A 226 14.31 -13.15 26.53
N GLU A 227 14.56 -13.52 27.78
CA GLU A 227 15.84 -13.26 28.44
C GLU A 227 16.81 -14.27 27.94
N PRO A 228 18.11 -13.92 27.87
CA PRO A 228 18.74 -12.69 28.27
C PRO A 228 18.71 -11.63 27.16
N TRP A 229 18.11 -11.92 26.01
CA TRP A 229 17.99 -11.02 24.82
C TRP A 229 17.31 -9.71 25.06
N VAL A 230 16.29 -9.72 25.88
CA VAL A 230 15.50 -8.57 26.21
C VAL A 230 15.37 -8.39 27.74
N ASP A 231 15.64 -7.20 28.21
CA ASP A 231 15.54 -6.96 29.65
C ASP A 231 14.08 -7.01 30.16
N PRO A 232 13.78 -7.86 31.19
CA PRO A 232 12.40 -8.03 31.70
C PRO A 232 11.74 -6.77 32.30
N ASN A 233 12.52 -5.73 32.59
CA ASN A 233 11.99 -4.43 33.05
C ASN A 233 11.91 -3.36 31.99
N SER A 234 12.17 -3.73 30.75
CA SER A 234 11.87 -2.81 29.63
C SER A 234 10.35 -2.65 29.66
N PRO A 235 9.83 -1.49 29.25
CA PRO A 235 8.38 -1.34 29.31
C PRO A 235 7.67 -2.23 28.28
N VAL A 236 6.47 -2.70 28.61
CA VAL A 236 5.71 -3.64 27.79
C VAL A 236 4.92 -2.78 26.82
N LEU A 237 5.32 -2.80 25.58
CA LEU A 237 4.74 -1.91 24.58
C LEU A 237 3.22 -2.01 24.56
N LEU A 238 2.68 -3.23 24.56
CA LEU A 238 1.27 -3.39 24.40
C LEU A 238 0.44 -3.01 25.61
N GLU A 239 1.05 -2.54 26.69
CA GLU A 239 0.31 -1.92 27.81
C GLU A 239 0.33 -0.42 27.71
N ASP A 240 0.89 0.14 26.63
CA ASP A 240 0.87 1.58 26.49
C ASP A 240 -0.56 2.14 26.55
N PRO A 241 -0.79 3.11 27.41
CA PRO A 241 -2.11 3.68 27.54
C PRO A 241 -2.68 4.40 26.31
N VAL A 242 -1.84 5.10 25.53
CA VAL A 242 -2.27 5.69 24.25
C VAL A 242 -2.67 4.59 23.26
N LEU A 243 -1.87 3.53 23.14
CA LEU A 243 -2.24 2.44 22.27
C LEU A 243 -3.53 1.81 22.74
N CYS A 244 -3.65 1.58 24.04
CA CYS A 244 -4.89 0.96 24.59
C CYS A 244 -6.09 1.85 24.35
N ALA A 245 -5.93 3.14 24.56
CA ALA A 245 -7.07 4.08 24.31
C ALA A 245 -7.53 4.06 22.82
N LEU A 246 -6.57 4.08 21.89
CA LEU A 246 -6.89 4.02 20.45
C LEU A 246 -7.54 2.67 20.14
N ALA A 247 -7.09 1.62 20.80
CA ALA A 247 -7.65 0.31 20.55
C ALA A 247 -9.13 0.26 20.97
N LYS A 248 -9.43 0.79 22.14
CA LYS A 248 -10.80 0.81 22.61
C LYS A 248 -11.65 1.67 21.68
N LYS A 249 -11.17 2.86 21.35
CA LYS A 249 -11.90 3.76 20.46
C LYS A 249 -12.28 3.06 19.12
N HIS A 250 -11.34 2.29 18.57
CA HIS A 250 -11.50 1.64 17.28
C HIS A 250 -12.14 0.28 17.35
N LYS A 251 -12.40 -0.23 18.53
CA LYS A 251 -12.80 -1.59 18.78
C LYS A 251 -11.83 -2.63 18.19
N ARG A 252 -10.56 -2.33 18.38
CA ARG A 252 -9.53 -3.20 18.02
C ARG A 252 -8.69 -3.56 19.25
N THR A 253 -7.41 -3.76 19.06
CA THR A 253 -6.51 -4.11 20.10
C THR A 253 -5.22 -3.28 20.02
N PRO A 254 -4.47 -3.28 21.20
CA PRO A 254 -3.21 -2.55 21.10
C PRO A 254 -2.31 -3.09 19.98
N ALA A 255 -2.23 -4.39 19.82
CA ALA A 255 -1.41 -4.95 18.82
C ALA A 255 -1.80 -4.44 17.40
N LEU A 256 -3.07 -4.45 17.11
CA LEU A 256 -3.50 -4.00 15.82
C LEU A 256 -3.18 -2.52 15.55
N ILE A 257 -3.21 -1.71 16.61
CA ILE A 257 -2.90 -0.30 16.46
C ILE A 257 -1.40 -0.16 16.09
N ALA A 258 -0.56 -0.87 16.83
CA ALA A 258 0.86 -0.92 16.56
C ALA A 258 1.19 -1.40 15.15
N LEU A 259 0.51 -2.44 14.69
CA LEU A 259 0.68 -2.87 13.32
C LEU A 259 0.19 -1.85 12.27
N ARG A 260 -0.97 -1.26 12.49
CA ARG A 260 -1.54 -0.37 11.50
C ARG A 260 -0.72 0.90 11.35
N TYR A 261 -0.17 1.38 12.47
CA TYR A 261 0.73 2.50 12.47
C TYR A 261 1.86 2.30 11.45
N GLN A 262 2.49 1.13 11.47
CA GLN A 262 3.59 0.82 10.56
C GLN A 262 3.07 0.86 9.13
N LEU A 263 1.91 0.24 8.87
CA LEU A 263 1.44 0.24 7.45
C LEU A 263 1.25 1.66 6.95
N GLN A 264 0.75 2.55 7.79
CA GLN A 264 0.39 3.88 7.28
C GLN A 264 1.62 4.77 7.10
N ARG A 265 2.70 4.48 7.78
CA ARG A 265 3.99 5.21 7.56
C ARG A 265 4.93 4.56 6.54
N GLY A 266 4.43 3.61 5.75
CA GLY A 266 5.19 3.02 4.65
C GLY A 266 6.12 1.88 5.07
N VAL A 267 5.90 1.29 6.22
CA VAL A 267 6.77 0.19 6.70
C VAL A 267 6.05 -1.10 6.43
N VAL A 268 6.78 -2.11 6.00
CA VAL A 268 6.32 -3.49 6.02
C VAL A 268 6.47 -4.10 7.42
N VAL A 269 5.42 -4.70 7.95
CA VAL A 269 5.39 -5.03 9.34
C VAL A 269 5.27 -6.53 9.57
N LEU A 270 6.13 -7.04 10.46
CA LEU A 270 6.09 -8.45 10.84
C LEU A 270 5.29 -8.55 12.14
N ALA A 271 4.71 -9.73 12.36
CA ALA A 271 4.02 -9.98 13.63
C ALA A 271 4.11 -11.48 13.89
N LYS A 272 4.81 -11.85 14.96
CA LYS A 272 4.89 -13.23 15.36
C LYS A 272 3.72 -13.61 16.27
N SER A 273 3.05 -14.72 16.02
CA SER A 273 2.14 -15.35 17.00
C SER A 273 2.01 -16.79 16.73
N TYR A 274 2.02 -17.62 17.76
CA TYR A 274 1.74 -19.03 17.64
C TYR A 274 0.36 -19.39 18.14
N ASN A 275 -0.44 -18.38 18.33
CA ASN A 275 -1.83 -18.53 18.83
C ASN A 275 -2.85 -18.27 17.72
N GLU A 276 -3.73 -19.25 17.48
CA GLU A 276 -4.83 -19.25 16.54
C GLU A 276 -5.56 -17.90 16.46
N GLN A 277 -5.96 -17.42 17.60
CA GLN A 277 -6.77 -16.22 17.67
C GLN A 277 -5.97 -14.96 17.34
N ARG A 278 -4.75 -14.89 17.86
CA ARG A 278 -3.92 -13.71 17.64
C ARG A 278 -3.40 -13.67 16.24
N ILE A 279 -3.19 -14.85 15.66
CA ILE A 279 -2.79 -14.94 14.26
C ILE A 279 -3.86 -14.30 13.37
N ARG A 280 -5.10 -14.75 13.59
CA ARG A 280 -6.23 -14.25 12.81
C ARG A 280 -6.49 -12.78 13.13
N GLN A 281 -6.35 -12.43 14.39
CA GLN A 281 -6.60 -11.09 14.75
C GLN A 281 -5.67 -10.12 14.00
N ASN A 282 -4.44 -10.53 13.80
CA ASN A 282 -3.40 -9.59 13.30
C ASN A 282 -3.66 -9.25 11.87
N VAL A 283 -4.31 -10.16 11.17
CA VAL A 283 -4.76 -9.89 9.77
C VAL A 283 -5.84 -8.81 9.71
N GLN A 284 -6.51 -8.53 10.83
CA GLN A 284 -7.47 -7.42 10.85
C GLN A 284 -6.80 -6.04 10.57
N VAL A 285 -5.48 -5.98 10.47
CA VAL A 285 -4.79 -4.73 10.25
C VAL A 285 -5.31 -4.05 8.99
N PHE A 286 -5.86 -4.82 8.05
CA PHE A 286 -6.34 -4.26 6.84
C PHE A 286 -7.80 -3.81 6.89
N GLU A 287 -8.47 -3.92 8.04
CA GLU A 287 -9.90 -3.61 8.15
C GLU A 287 -10.27 -2.26 8.72
N PHE A 288 -9.28 -1.47 9.15
CA PHE A 288 -9.52 -0.12 9.66
C PHE A 288 -8.32 0.78 9.37
N GLN A 289 -8.47 2.06 9.67
CA GLN A 289 -7.49 3.07 9.36
C GLN A 289 -7.35 4.09 10.51
N LEU A 290 -6.15 4.65 10.67
CA LEU A 290 -5.89 5.68 11.70
C LEU A 290 -5.91 7.04 11.05
N THR A 291 -6.43 8.04 11.78
CA THR A 291 -6.47 9.40 11.30
C THR A 291 -5.09 10.02 11.52
N SER A 292 -4.87 11.19 10.91
CA SER A 292 -3.61 11.90 11.08
C SER A 292 -3.38 12.24 12.52
N GLU A 293 -4.42 12.63 13.23
CA GLU A 293 -4.20 12.98 14.62
C GLU A 293 -3.85 11.74 15.45
N GLU A 294 -4.38 10.58 15.09
CA GLU A 294 -4.03 9.35 15.83
C GLU A 294 -2.56 8.99 15.48
N MET A 295 -2.18 9.15 14.23
CA MET A 295 -0.79 8.82 13.80
C MET A 295 0.19 9.75 14.54
N LYS A 296 -0.16 11.01 14.66
CA LYS A 296 0.65 11.95 15.44
C LYS A 296 0.77 11.57 16.88
N ALA A 297 -0.32 11.18 17.51
CA ALA A 297 -0.26 10.70 18.90
C ALA A 297 0.67 9.50 19.02
N ILE A 298 0.61 8.54 18.07
CA ILE A 298 1.50 7.37 18.14
C ILE A 298 2.98 7.77 17.93
N ASP A 299 3.25 8.71 16.99
CA ASP A 299 4.57 9.25 16.80
C ASP A 299 5.11 9.84 18.11
N GLY A 300 4.24 10.48 18.90
CA GLY A 300 4.68 11.02 20.17
C GLY A 300 5.08 9.97 21.22
N LEU A 301 4.81 8.68 21.00
CA LEU A 301 5.25 7.65 21.99
C LEU A 301 6.73 7.30 21.93
N ASN A 302 7.41 7.77 20.89
CA ASN A 302 8.82 7.46 20.70
C ASN A 302 9.61 7.72 21.97
N ARG A 303 10.40 6.77 22.41
CA ARG A 303 11.10 7.02 23.64
C ARG A 303 12.39 6.26 23.78
N ASN A 304 13.02 5.96 22.66
CA ASN A 304 14.34 5.35 22.70
C ASN A 304 14.43 4.01 23.44
N VAL A 305 13.43 3.17 23.32
CA VAL A 305 13.46 1.89 23.98
C VAL A 305 13.75 0.87 22.91
N ARG A 306 14.98 0.36 22.92
CA ARG A 306 15.41 -0.69 22.04
C ARG A 306 15.39 -2.01 22.75
N TYR A 307 14.47 -2.91 22.42
CA TYR A 307 14.37 -4.19 23.14
C TYR A 307 15.56 -5.13 22.88
N LEU A 308 15.95 -5.21 21.62
CA LEU A 308 17.03 -6.05 21.12
C LEU A 308 18.36 -5.29 20.89
N THR A 309 19.13 -5.09 21.96
CA THR A 309 20.42 -4.39 21.79
C THR A 309 21.47 -5.30 21.14
N LEU A 310 21.30 -6.59 21.32
CA LEU A 310 22.23 -7.58 20.86
C LEU A 310 23.67 -7.16 21.20
N ASP A 311 23.88 -6.74 22.41
CA ASP A 311 25.16 -6.19 22.81
C ASP A 311 26.19 -7.27 23.08
N ILE A 312 25.78 -8.56 23.00
CA ILE A 312 26.81 -9.58 22.93
C ILE A 312 27.73 -9.33 21.73
N PHE A 313 27.23 -8.60 20.73
CA PHE A 313 28.04 -8.37 19.55
C PHE A 313 28.68 -6.99 19.53
N ALA A 314 28.60 -6.24 20.62
CA ALA A 314 29.24 -4.93 20.70
C ALA A 314 30.77 -5.00 20.78
N GLY A 315 31.43 -3.96 20.27
CA GLY A 315 32.90 -3.89 20.22
C GLY A 315 33.43 -3.60 18.82
N PRO A 316 33.21 -4.52 17.89
CA PRO A 316 33.72 -4.29 16.54
C PRO A 316 33.05 -3.07 15.86
N PRO A 317 33.71 -2.49 14.88
CA PRO A 317 33.09 -1.30 14.27
C PRO A 317 31.74 -1.56 13.61
N ASN A 318 31.43 -2.79 13.18
CA ASN A 318 30.20 -3.01 12.48
C ASN A 318 29.03 -3.18 13.45
N TYR A 319 29.27 -3.16 14.75
CA TYR A 319 28.18 -3.20 15.73
C TYR A 319 27.32 -1.98 15.40
N PRO A 320 26.03 -2.23 15.08
CA PRO A 320 25.25 -1.15 14.42
C PRO A 320 24.58 -0.14 15.33
N PHE A 321 24.44 -0.44 16.62
CA PHE A 321 23.53 0.34 17.45
C PHE A 321 24.28 1.37 18.30
N SER A 322 25.58 1.57 18.16
CA SER A 322 26.21 2.71 18.84
C SER A 322 26.08 4.06 18.11
N ASP A 323 26.03 4.11 16.79
CA ASP A 323 25.70 5.35 16.09
C ASP A 323 24.27 5.80 16.41
N GLU A 324 24.02 7.08 16.20
CA GLU A 324 22.74 7.68 16.43
C GLU A 324 21.66 6.97 15.60
N TYR A 325 22.00 6.70 14.32
CA TYR A 325 21.17 5.85 13.48
C TYR A 325 22.02 5.32 12.31
N SER B 1 9.93 -5.56 -17.36
CA SER B 1 9.08 -5.77 -16.14
C SER B 1 9.44 -7.09 -15.39
N VAL B 2 10.01 -6.98 -14.18
CA VAL B 2 10.45 -8.19 -13.43
C VAL B 2 9.29 -9.12 -13.00
N ASP B 3 8.15 -8.54 -12.62
CA ASP B 3 6.95 -9.30 -12.17
C ASP B 3 5.63 -8.47 -12.33
N ASP B 4 5.04 -8.51 -13.51
CA ASP B 4 3.85 -7.71 -13.77
C ASP B 4 2.58 -8.45 -13.38
N SER B 5 2.70 -9.62 -12.76
CA SER B 5 1.51 -10.33 -12.33
C SER B 5 1.00 -9.77 -10.98
N LYS B 6 1.88 -9.11 -10.19
CA LYS B 6 1.44 -8.42 -8.97
C LYS B 6 1.41 -6.88 -9.14
N TYR B 7 0.66 -6.21 -8.27
CA TYR B 7 0.58 -4.77 -8.26
C TYR B 7 -0.08 -4.33 -6.92
N GLN B 8 0.13 -3.06 -6.57
CA GLN B 8 -0.32 -2.54 -5.31
C GLN B 8 -1.82 -2.22 -5.29
N CYS B 9 -2.47 -2.86 -4.33
CA CYS B 9 -3.89 -2.72 -4.10
C CYS B 9 -4.19 -2.35 -2.66
N VAL B 10 -5.38 -1.79 -2.43
CA VAL B 10 -5.90 -1.52 -1.10
C VAL B 10 -7.20 -2.30 -0.89
N LYS B 11 -7.37 -2.85 0.32
CA LYS B 11 -8.61 -3.58 0.63
C LYS B 11 -9.73 -2.64 0.99
N LEU B 12 -10.85 -2.73 0.28
CA LEU B 12 -12.01 -1.92 0.53
C LEU B 12 -12.88 -2.53 1.65
N ASN B 13 -13.85 -1.75 2.16
CA ASN B 13 -14.69 -2.23 3.26
C ASN B 13 -15.67 -3.34 2.87
N ASP B 14 -15.79 -3.69 1.60
CA ASP B 14 -16.67 -4.80 1.25
C ASP B 14 -15.90 -6.09 0.92
N GLY B 15 -14.57 -6.09 1.17
CA GLY B 15 -13.69 -7.23 0.88
C GLY B 15 -13.03 -7.20 -0.50
N HIS B 16 -13.46 -6.31 -1.39
CA HIS B 16 -12.83 -6.19 -2.73
C HIS B 16 -11.55 -5.40 -2.61
N PHE B 17 -10.67 -5.55 -3.59
CA PHE B 17 -9.38 -4.90 -3.64
C PHE B 17 -9.31 -3.88 -4.81
N MET B 18 -8.81 -2.69 -4.50
CA MET B 18 -8.73 -1.62 -5.48
C MET B 18 -7.27 -1.29 -5.75
N PRO B 19 -6.85 -1.31 -7.01
CA PRO B 19 -5.45 -0.90 -7.27
C PRO B 19 -5.24 0.54 -6.92
N VAL B 20 -4.11 0.88 -6.34
CA VAL B 20 -3.97 2.21 -5.75
C VAL B 20 -3.64 3.34 -6.77
N LEU B 21 -3.33 2.98 -8.01
CA LEU B 21 -3.09 3.94 -9.10
C LEU B 21 -4.12 3.68 -10.18
N GLY B 22 -4.91 4.70 -10.47
CA GLY B 22 -6.00 4.55 -11.45
C GLY B 22 -5.76 5.49 -12.64
N PHE B 23 -6.13 5.00 -13.82
CA PHE B 23 -6.00 5.75 -15.04
C PHE B 23 -7.30 6.55 -15.27
N GLY B 24 -7.12 7.87 -15.37
CA GLY B 24 -8.21 8.79 -15.64
C GLY B 24 -8.49 8.86 -17.12
N THR B 25 -9.77 8.92 -17.50
CA THR B 25 -10.15 8.85 -18.92
C THR B 25 -10.88 10.05 -19.49
N TYR B 26 -11.16 11.03 -18.63
CA TYR B 26 -11.84 12.19 -19.05
C TYR B 26 -10.92 13.03 -19.91
N ALA B 27 -11.47 13.56 -21.00
CA ALA B 27 -10.74 14.54 -21.80
C ALA B 27 -11.66 15.57 -22.36
N PRO B 28 -11.16 16.81 -22.51
CA PRO B 28 -12.02 17.86 -23.04
C PRO B 28 -12.68 17.49 -24.40
N ALA B 29 -13.82 18.10 -24.68
CA ALA B 29 -14.61 17.84 -25.87
C ALA B 29 -13.83 17.91 -27.21
N GLU B 30 -12.90 18.84 -27.34
CA GLU B 30 -12.11 18.96 -28.57
C GLU B 30 -11.20 17.74 -28.81
N VAL B 31 -10.98 16.89 -27.81
CA VAL B 31 -10.14 15.71 -27.98
C VAL B 31 -11.01 14.57 -28.55
N PRO B 32 -10.63 14.02 -29.70
CA PRO B 32 -11.49 12.96 -30.24
C PRO B 32 -11.53 11.65 -29.38
N LYS B 33 -12.66 10.94 -29.41
CA LYS B 33 -12.85 9.74 -28.60
C LYS B 33 -11.91 8.61 -28.93
N SER B 34 -11.42 8.53 -30.16
CA SER B 34 -10.42 7.56 -30.54
C SER B 34 -9.19 7.58 -29.60
N LYS B 35 -8.91 8.76 -29.04
CA LYS B 35 -7.77 8.95 -28.14
C LYS B 35 -8.02 8.20 -26.85
N ALA B 36 -9.27 8.05 -26.45
CA ALA B 36 -9.58 7.32 -25.24
C ALA B 36 -9.28 5.83 -25.40
N LEU B 37 -9.66 5.29 -26.58
CA LEU B 37 -9.39 3.93 -26.90
C LEU B 37 -7.89 3.65 -26.79
N GLU B 38 -7.11 4.50 -27.46
CA GLU B 38 -5.68 4.32 -27.59
C GLU B 38 -4.99 4.50 -26.26
N ALA B 39 -5.40 5.51 -25.52
CA ALA B 39 -4.80 5.83 -24.25
C ALA B 39 -5.06 4.72 -23.21
N VAL B 40 -6.28 4.16 -23.17
CA VAL B 40 -6.53 3.08 -22.23
C VAL B 40 -5.70 1.83 -22.57
N LYS B 41 -5.57 1.50 -23.85
CA LYS B 41 -4.73 0.38 -24.25
C LYS B 41 -3.29 0.63 -23.79
N LEU B 42 -2.80 1.83 -24.04
CA LEU B 42 -1.46 2.19 -23.58
C LEU B 42 -1.33 2.10 -22.05
N ALA B 43 -2.34 2.55 -21.33
CA ALA B 43 -2.30 2.53 -19.85
C ALA B 43 -2.18 1.09 -19.37
N ILE B 44 -2.96 0.21 -19.94
CA ILE B 44 -2.98 -1.22 -19.54
C ILE B 44 -1.62 -1.80 -19.87
N GLU B 45 -1.09 -1.46 -21.03
CA GLU B 45 0.23 -1.90 -21.43
C GLU B 45 1.32 -1.38 -20.49
N ALA B 46 1.19 -0.16 -19.99
CA ALA B 46 2.13 0.38 -19.03
C ALA B 46 2.07 -0.18 -17.60
N GLY B 47 1.00 -0.93 -17.26
CA GLY B 47 0.83 -1.49 -15.90
C GLY B 47 -0.32 -0.91 -15.07
N PHE B 48 -1.19 -0.08 -15.64
CA PHE B 48 -2.38 0.43 -14.89
C PHE B 48 -3.33 -0.74 -14.87
N HIS B 49 -3.90 -1.01 -13.69
CA HIS B 49 -4.86 -2.07 -13.50
C HIS B 49 -6.20 -1.49 -13.06
N HIS B 50 -6.26 -0.18 -12.83
CA HIS B 50 -7.46 0.52 -12.39
C HIS B 50 -7.79 1.61 -13.44
N ILE B 51 -9.03 1.61 -13.96
CA ILE B 51 -9.47 2.52 -15.03
C ILE B 51 -10.76 3.15 -14.60
N ASP B 52 -10.79 4.48 -14.64
CA ASP B 52 -11.88 5.28 -14.17
C ASP B 52 -12.55 6.02 -15.33
N SER B 53 -13.83 5.73 -15.53
CA SER B 53 -14.62 6.53 -16.39
C SER B 53 -16.00 6.85 -15.73
N ALA B 54 -16.93 7.19 -16.60
CA ALA B 54 -18.25 7.65 -16.18
C ALA B 54 -19.13 7.72 -17.41
N HIS B 55 -20.43 7.52 -17.21
CA HIS B 55 -21.37 7.79 -18.29
C HIS B 55 -21.23 9.20 -18.89
N VAL B 56 -21.08 10.22 -18.09
CA VAL B 56 -21.06 11.56 -18.56
C VAL B 56 -19.82 11.92 -19.38
N TYR B 57 -18.76 11.14 -19.35
CA TYR B 57 -17.53 11.38 -20.15
C TYR B 57 -17.75 11.06 -21.65
N ASN B 58 -18.80 10.33 -21.88
CA ASN B 58 -19.17 9.91 -23.24
C ASN B 58 -18.03 9.21 -23.92
N ASN B 59 -17.40 8.31 -23.20
CA ASN B 59 -16.33 7.49 -23.76
C ASN B 59 -16.41 5.99 -23.46
N GLU B 60 -17.48 5.54 -22.82
CA GLU B 60 -17.48 4.20 -22.33
C GLU B 60 -17.38 3.15 -23.40
N GLU B 61 -17.89 3.41 -24.60
CA GLU B 61 -17.80 2.50 -25.71
C GLU B 61 -16.35 2.29 -26.05
N GLN B 62 -15.58 3.41 -26.09
CA GLN B 62 -14.14 3.36 -26.37
C GLN B 62 -13.30 2.69 -25.27
N VAL B 63 -13.65 2.99 -24.02
CA VAL B 63 -12.93 2.48 -22.88
C VAL B 63 -13.17 1.00 -22.72
N GLY B 64 -14.42 0.60 -22.84
CA GLY B 64 -14.82 -0.83 -22.88
C GLY B 64 -14.11 -1.61 -23.97
N LEU B 65 -14.01 -1.01 -25.15
CA LEU B 65 -13.34 -1.67 -26.25
C LEU B 65 -11.83 -1.88 -26.02
N ALA B 66 -11.19 -0.86 -25.44
CA ALA B 66 -9.79 -0.95 -25.11
C ALA B 66 -9.62 -2.10 -24.11
N ILE B 67 -10.46 -2.16 -23.10
CA ILE B 67 -10.32 -3.22 -22.10
C ILE B 67 -10.46 -4.56 -22.76
N ARG B 68 -11.50 -4.76 -23.55
CA ARG B 68 -11.74 -6.06 -24.17
C ARG B 68 -10.65 -6.44 -25.18
N SER B 69 -10.09 -5.42 -25.81
CA SER B 69 -9.04 -5.62 -26.81
C SER B 69 -7.81 -6.16 -26.11
N LYS B 70 -7.47 -5.58 -24.95
CA LYS B 70 -6.34 -6.04 -24.16
C LYS B 70 -6.58 -7.35 -23.45
N ILE B 71 -7.82 -7.70 -23.18
CA ILE B 71 -8.12 -9.07 -22.70
C ILE B 71 -7.95 -10.09 -23.87
N ALA B 72 -8.52 -9.75 -25.04
CA ALA B 72 -8.52 -10.66 -26.14
C ALA B 72 -7.10 -10.91 -26.65
N ASP B 73 -6.17 -9.96 -26.50
CA ASP B 73 -4.84 -10.21 -26.99
C ASP B 73 -3.98 -10.95 -25.96
N GLY B 74 -4.56 -11.33 -24.83
CA GLY B 74 -3.81 -12.03 -23.80
C GLY B 74 -2.99 -11.11 -22.88
N SER B 75 -3.10 -9.78 -22.94
CA SER B 75 -2.23 -8.93 -22.11
C SER B 75 -2.69 -8.95 -20.69
N VAL B 76 -3.98 -9.13 -20.50
CA VAL B 76 -4.55 -8.96 -19.18
C VAL B 76 -5.83 -9.82 -19.08
N LYS B 77 -6.17 -10.22 -17.85
CA LYS B 77 -7.43 -10.89 -17.59
C LYS B 77 -8.44 -9.92 -16.97
N ARG B 78 -9.74 -10.20 -17.14
CA ARG B 78 -10.79 -9.33 -16.62
C ARG B 78 -10.64 -9.08 -15.11
N GLU B 79 -10.23 -10.13 -14.39
CA GLU B 79 -10.05 -10.05 -12.93
C GLU B 79 -8.83 -9.26 -12.50
N ASP B 80 -7.95 -8.95 -13.42
CA ASP B 80 -6.90 -7.98 -13.14
C ASP B 80 -7.12 -6.58 -13.70
N ILE B 81 -8.34 -6.28 -14.07
CA ILE B 81 -8.78 -4.89 -14.40
C ILE B 81 -9.89 -4.50 -13.42
N PHE B 82 -9.70 -3.36 -12.77
CA PHE B 82 -10.68 -2.74 -11.88
C PHE B 82 -11.26 -1.56 -12.65
N TYR B 83 -12.50 -1.71 -13.11
CA TYR B 83 -13.16 -0.66 -13.90
C TYR B 83 -14.27 0.04 -13.14
N THR B 84 -14.18 1.37 -13.09
CA THR B 84 -15.15 2.22 -12.40
C THR B 84 -16.00 3.00 -13.38
N SER B 85 -17.31 2.99 -13.15
CA SER B 85 -18.25 3.89 -13.83
C SER B 85 -19.02 4.69 -12.83
N LYS B 86 -19.81 5.63 -13.33
CA LYS B 86 -20.50 6.57 -12.42
C LYS B 86 -21.86 6.91 -12.99
N LEU B 87 -22.83 6.98 -12.07
CA LEU B 87 -24.20 7.36 -12.28
C LEU B 87 -24.32 8.88 -12.39
N TRP B 88 -24.77 9.36 -13.56
CA TRP B 88 -24.84 10.79 -13.76
C TRP B 88 -26.11 11.34 -13.10
N SER B 89 -26.15 12.63 -12.89
CA SER B 89 -27.17 13.23 -12.03
C SER B 89 -28.56 13.36 -12.64
N ASN B 90 -28.69 13.07 -13.94
CA ASN B 90 -29.98 12.92 -14.56
C ASN B 90 -30.60 11.61 -14.27
N SER B 91 -29.94 10.74 -13.53
CA SER B 91 -30.47 9.40 -13.21
C SER B 91 -30.48 9.03 -11.75
N HIS B 92 -30.52 10.03 -10.87
CA HIS B 92 -30.56 9.75 -9.43
C HIS B 92 -31.88 9.15 -8.95
N ARG B 93 -32.97 9.39 -9.69
CA ARG B 93 -34.24 8.81 -9.28
C ARG B 93 -34.05 7.32 -9.25
N PRO B 94 -34.52 6.68 -8.19
CA PRO B 94 -34.22 5.26 -8.00
C PRO B 94 -34.59 4.37 -9.17
N GLU B 95 -35.69 4.69 -9.87
CA GLU B 95 -36.16 3.95 -11.05
C GLU B 95 -35.22 4.09 -12.22
N LEU B 96 -34.34 5.10 -12.21
CA LEU B 96 -33.44 5.30 -13.32
C LEU B 96 -31.99 4.79 -13.08
N VAL B 97 -31.70 4.31 -11.88
CA VAL B 97 -30.33 3.97 -11.48
C VAL B 97 -29.91 2.70 -12.24
N ARG B 98 -30.70 1.64 -12.08
CA ARG B 98 -30.36 0.42 -12.76
C ARG B 98 -30.33 0.54 -14.31
N PRO B 99 -31.27 1.26 -14.90
CA PRO B 99 -31.19 1.40 -16.32
C PRO B 99 -29.94 2.15 -16.77
N ALA B 100 -29.48 3.11 -15.95
CA ALA B 100 -28.30 3.87 -16.33
C ALA B 100 -27.08 2.94 -16.21
N LEU B 101 -27.05 2.08 -15.17
CA LEU B 101 -25.98 1.11 -15.06
C LEU B 101 -25.97 0.11 -16.24
N GLU B 102 -27.15 -0.41 -16.58
CA GLU B 102 -27.29 -1.31 -17.72
C GLU B 102 -26.88 -0.63 -19.00
N ARG B 103 -27.20 0.64 -19.15
CA ARG B 103 -26.81 1.34 -20.34
C ARG B 103 -25.30 1.51 -20.42
N SER B 104 -24.65 1.81 -19.29
CA SER B 104 -23.19 1.84 -19.29
C SER B 104 -22.58 0.48 -19.69
N LEU B 105 -23.08 -0.60 -19.10
CA LEU B 105 -22.58 -1.93 -19.36
C LEU B 105 -22.81 -2.35 -20.82
N LYS B 106 -23.88 -1.85 -21.45
CA LYS B 106 -24.13 -2.17 -22.83
C LYS B 106 -23.14 -1.43 -23.68
N ASN B 107 -22.88 -0.16 -23.40
CA ASN B 107 -21.85 0.58 -24.13
C ASN B 107 -20.49 -0.05 -23.97
N LEU B 108 -20.22 -0.56 -22.76
CA LEU B 108 -18.93 -1.18 -22.47
C LEU B 108 -18.80 -2.57 -23.06
N GLN B 109 -19.94 -3.26 -23.19
CA GLN B 109 -20.00 -4.65 -23.56
C GLN B 109 -19.26 -5.44 -22.51
N LEU B 110 -19.39 -5.04 -21.27
CA LEU B 110 -18.92 -5.86 -20.18
C LEU B 110 -20.09 -6.36 -19.37
N ASP B 111 -19.90 -7.40 -18.59
CA ASP B 111 -20.96 -7.96 -17.73
C ASP B 111 -21.09 -7.23 -16.40
N TYR B 112 -20.02 -6.63 -15.91
CA TYR B 112 -20.09 -5.95 -14.65
C TYR B 112 -19.07 -4.85 -14.63
N VAL B 113 -19.36 -3.80 -13.83
CA VAL B 113 -18.31 -2.85 -13.42
C VAL B 113 -17.76 -3.27 -12.05
N ASP B 114 -16.48 -2.96 -11.84
CA ASP B 114 -15.90 -3.22 -10.52
C ASP B 114 -16.36 -2.28 -9.46
N LEU B 115 -16.66 -1.07 -9.89
CA LEU B 115 -17.10 -0.01 -8.99
C LEU B 115 -18.13 0.86 -9.70
N TYR B 116 -19.23 1.17 -9.04
CA TYR B 116 -20.18 2.19 -9.54
C TYR B 116 -20.41 3.28 -8.48
N LEU B 117 -20.30 4.53 -8.89
CA LEU B 117 -20.34 5.67 -7.97
C LEU B 117 -21.53 6.57 -8.32
N ILE B 118 -22.15 7.16 -7.31
CA ILE B 118 -22.96 8.33 -7.54
C ILE B 118 -21.96 9.44 -7.82
N HIS B 119 -21.99 9.95 -9.04
CA HIS B 119 -21.04 10.90 -9.58
C HIS B 119 -20.99 12.22 -8.84
N PHE B 120 -22.14 12.82 -8.57
CA PHE B 120 -22.25 14.15 -8.01
C PHE B 120 -23.59 14.24 -7.30
N PRO B 121 -23.64 14.86 -6.10
CA PRO B 121 -24.85 14.70 -5.31
C PRO B 121 -26.03 15.60 -5.63
N VAL B 122 -25.87 16.52 -6.59
CA VAL B 122 -26.93 17.42 -6.95
C VAL B 122 -27.62 16.78 -8.13
N SER B 123 -28.96 16.66 -8.06
CA SER B 123 -29.77 15.97 -9.10
C SER B 123 -30.24 16.94 -10.14
N VAL B 124 -30.32 16.52 -11.41
CA VAL B 124 -30.93 17.34 -12.45
C VAL B 124 -32.05 16.56 -13.11
N LYS B 125 -32.92 17.26 -13.85
CA LYS B 125 -34.05 16.60 -14.48
C LYS B 125 -33.64 15.45 -15.43
N PRO B 126 -34.36 14.35 -15.35
CA PRO B 126 -34.16 13.21 -16.20
C PRO B 126 -34.45 13.54 -17.64
N GLY B 127 -33.90 12.73 -18.52
CA GLY B 127 -33.86 13.02 -19.93
C GLY B 127 -32.48 12.68 -20.42
N GLU B 128 -32.22 13.06 -21.67
CA GLU B 128 -30.98 12.75 -22.35
C GLU B 128 -29.97 13.88 -22.37
N GLU B 129 -30.39 15.14 -22.23
CA GLU B 129 -29.38 16.16 -22.04
C GLU B 129 -28.81 15.75 -20.66
N VAL B 130 -27.50 15.76 -20.57
CA VAL B 130 -26.88 15.42 -19.32
C VAL B 130 -26.94 16.68 -18.48
N ILE B 131 -26.99 17.83 -19.14
CA ILE B 131 -27.11 19.09 -18.47
C ILE B 131 -28.35 19.87 -18.99
N PRO B 132 -29.52 19.49 -18.52
CA PRO B 132 -30.75 20.08 -19.03
C PRO B 132 -30.89 21.55 -18.60
N LYS B 133 -31.17 22.42 -19.59
CA LYS B 133 -31.24 23.84 -19.38
C LYS B 133 -32.58 24.38 -19.75
N ASP B 134 -32.95 25.51 -19.16
CA ASP B 134 -34.22 26.15 -19.54
C ASP B 134 -33.94 27.16 -20.63
N GLU B 135 -35.02 27.90 -20.90
CA GLU B 135 -35.16 28.96 -21.91
C GLU B 135 -33.88 29.76 -22.06
N ASN B 136 -33.35 30.31 -20.98
CA ASN B 136 -32.15 31.17 -21.12
C ASN B 136 -31.02 30.61 -20.33
N GLY B 137 -30.85 29.32 -20.49
CA GLY B 137 -29.59 28.69 -20.10
C GLY B 137 -29.41 28.29 -18.65
N LYS B 138 -30.48 28.28 -17.86
CA LYS B 138 -30.31 27.83 -16.48
C LYS B 138 -30.61 26.34 -16.33
N ILE B 139 -29.76 25.65 -15.61
CA ILE B 139 -29.96 24.24 -15.36
C ILE B 139 -31.29 23.92 -14.67
N LEU B 140 -31.93 22.86 -15.12
CA LEU B 140 -33.16 22.39 -14.51
C LEU B 140 -32.83 21.36 -13.42
N PHE B 141 -32.89 21.78 -12.18
CA PHE B 141 -32.67 20.90 -11.07
C PHE B 141 -33.83 20.01 -10.73
N ASP B 142 -33.55 18.96 -9.97
CA ASP B 142 -34.53 17.95 -9.60
C ASP B 142 -34.39 17.69 -8.06
N THR B 143 -35.43 17.19 -7.43
CA THR B 143 -35.43 16.93 -5.99
C THR B 143 -35.44 15.45 -5.85
N VAL B 144 -34.37 14.86 -5.31
CA VAL B 144 -34.32 13.42 -5.17
C VAL B 144 -33.66 13.11 -3.86
N ASP B 145 -34.23 12.17 -3.15
CA ASP B 145 -33.65 11.69 -1.92
C ASP B 145 -32.50 10.73 -2.19
N LEU B 146 -31.25 11.13 -1.90
CA LEU B 146 -30.13 10.25 -2.23
C LEU B 146 -30.07 8.95 -1.37
N CYS B 147 -30.73 8.90 -0.22
CA CYS B 147 -30.89 7.62 0.45
C CYS B 147 -31.64 6.62 -0.43
N ALA B 148 -32.63 7.06 -1.19
CA ALA B 148 -33.32 6.14 -2.11
C ALA B 148 -32.41 5.77 -3.32
N THR B 149 -31.63 6.75 -3.82
CA THR B 149 -30.66 6.49 -4.84
C THR B 149 -29.73 5.42 -4.33
N TRP B 150 -29.21 5.58 -3.13
CA TRP B 150 -28.24 4.62 -2.59
C TRP B 150 -28.85 3.22 -2.48
N GLU B 151 -30.13 3.14 -2.12
CA GLU B 151 -30.78 1.84 -2.03
C GLU B 151 -30.82 1.14 -3.39
N ALA B 152 -31.14 1.88 -4.47
CA ALA B 152 -31.08 1.33 -5.82
C ALA B 152 -29.64 0.88 -6.20
N MET B 153 -28.64 1.60 -5.69
CA MET B 153 -27.23 1.23 -5.91
C MET B 153 -26.95 -0.11 -5.18
N GLU B 154 -27.43 -0.24 -3.96
CA GLU B 154 -27.27 -1.53 -3.24
C GLU B 154 -27.85 -2.72 -4.05
N LYS B 155 -28.99 -2.50 -4.68
CA LYS B 155 -29.58 -3.54 -5.50
C LYS B 155 -28.71 -3.90 -6.72
N CYS B 156 -28.06 -2.91 -7.36
CA CYS B 156 -27.11 -3.19 -8.44
C CYS B 156 -25.92 -4.07 -7.96
N LYS B 157 -25.40 -3.81 -6.77
CA LYS B 157 -24.40 -4.71 -6.21
C LYS B 157 -24.99 -6.11 -5.98
N ASP B 158 -26.18 -6.19 -5.37
CA ASP B 158 -26.75 -7.51 -5.10
C ASP B 158 -27.05 -8.27 -6.42
N ALA B 159 -27.39 -7.57 -7.48
CA ALA B 159 -27.58 -8.19 -8.81
C ALA B 159 -26.26 -8.62 -9.48
N GLY B 160 -25.12 -8.26 -8.89
CA GLY B 160 -23.83 -8.62 -9.51
C GLY B 160 -23.35 -7.65 -10.59
N LEU B 161 -24.08 -6.58 -10.85
CA LEU B 161 -23.71 -5.69 -11.95
C LEU B 161 -22.62 -4.73 -11.57
N ALA B 162 -22.48 -4.44 -10.28
CA ALA B 162 -21.35 -3.67 -9.73
C ALA B 162 -20.76 -4.46 -8.60
N LYS B 163 -19.47 -4.75 -8.64
CA LYS B 163 -18.88 -5.52 -7.54
C LYS B 163 -18.84 -4.70 -6.25
N SER B 164 -18.53 -3.39 -6.38
CA SER B 164 -18.52 -2.45 -5.23
C SER B 164 -19.28 -1.19 -5.61
N ILE B 165 -19.76 -0.48 -4.59
CA ILE B 165 -20.47 0.78 -4.79
C ILE B 165 -19.88 1.86 -3.91
N GLY B 166 -19.89 3.10 -4.39
CA GLY B 166 -19.35 4.23 -3.60
C GLY B 166 -19.91 5.53 -4.11
N VAL B 167 -19.31 6.64 -3.69
CA VAL B 167 -19.77 7.94 -4.06
C VAL B 167 -18.63 8.83 -4.51
N SER B 168 -19.00 9.99 -5.05
CA SER B 168 -18.05 10.98 -5.51
C SER B 168 -18.61 12.40 -5.24
N ASN B 169 -17.72 13.31 -4.89
CA ASN B 169 -18.07 14.68 -4.53
C ASN B 169 -19.11 14.74 -3.42
N PHE B 170 -18.99 13.82 -2.46
CA PHE B 170 -19.77 13.90 -1.22
C PHE B 170 -18.97 14.64 -0.15
N ASN B 171 -19.65 15.44 0.64
CA ASN B 171 -19.06 16.08 1.80
C ASN B 171 -19.38 15.25 3.08
N HIS B 172 -18.90 15.73 4.22
CA HIS B 172 -19.10 15.10 5.47
C HIS B 172 -20.58 14.84 5.74
N ARG B 173 -21.42 15.84 5.54
CA ARG B 173 -22.85 15.73 5.84
C ARG B 173 -23.50 14.68 5.00
N LEU B 174 -23.18 14.68 3.71
CA LEU B 174 -23.79 13.73 2.78
C LEU B 174 -23.31 12.28 3.10
N LEU B 175 -22.05 12.11 3.47
CA LEU B 175 -21.56 10.80 3.79
C LEU B 175 -22.30 10.31 5.03
N GLU B 176 -22.45 11.16 6.03
CA GLU B 176 -23.19 10.83 7.23
C GLU B 176 -24.64 10.43 6.98
N MET B 177 -25.30 11.10 6.06
CA MET B 177 -26.66 10.79 5.67
C MET B 177 -26.72 9.36 5.13
N ILE B 178 -25.79 8.98 4.27
CA ILE B 178 -25.76 7.56 3.85
C ILE B 178 -25.43 6.61 5.02
N LEU B 179 -24.39 6.92 5.79
CA LEU B 179 -23.95 6.01 6.87
C LEU B 179 -25.00 5.80 7.93
N ASN B 180 -25.79 6.82 8.21
CA ASN B 180 -26.88 6.74 9.21
C ASN B 180 -28.25 6.30 8.67
N LYS B 181 -28.30 5.94 7.39
CA LYS B 181 -29.52 5.54 6.79
C LYS B 181 -30.04 4.28 7.50
N PRO B 182 -31.30 4.31 7.94
CA PRO B 182 -31.94 3.09 8.45
C PRO B 182 -31.93 2.00 7.37
N GLY B 183 -31.62 0.78 7.77
CA GLY B 183 -31.62 -0.37 6.86
C GLY B 183 -30.43 -0.41 5.89
N LEU B 184 -29.35 0.28 6.23
CA LEU B 184 -28.18 0.37 5.33
C LEU B 184 -27.62 -0.99 5.14
N LYS B 185 -27.36 -1.36 3.92
CA LYS B 185 -26.77 -2.67 3.65
C LYS B 185 -25.26 -2.54 3.33
N TYR B 186 -24.91 -1.59 2.45
CA TYR B 186 -23.51 -1.46 2.08
C TYR B 186 -23.11 -0.02 2.23
N LYS B 187 -22.08 0.18 3.03
CA LYS B 187 -21.40 1.44 3.10
C LYS B 187 -20.78 1.72 1.73
N PRO B 188 -20.66 2.98 1.38
CA PRO B 188 -19.82 3.23 0.23
C PRO B 188 -18.37 2.81 0.49
N VAL B 189 -17.72 2.22 -0.51
CA VAL B 189 -16.33 1.83 -0.38
C VAL B 189 -15.36 2.99 -0.52
N CYS B 190 -15.81 4.08 -1.13
CA CYS B 190 -14.94 5.20 -1.39
C CYS B 190 -15.73 6.49 -1.54
N ASN B 191 -14.97 7.59 -1.47
CA ASN B 191 -15.45 8.90 -1.82
C ASN B 191 -14.43 9.51 -2.80
N GLN B 192 -14.78 9.61 -4.07
CA GLN B 192 -13.83 10.15 -5.02
C GLN B 192 -14.02 11.65 -5.10
N VAL B 193 -12.97 12.41 -4.77
CA VAL B 193 -13.05 13.84 -4.70
C VAL B 193 -11.79 14.44 -5.25
N GLU B 194 -11.82 15.74 -5.47
CA GLU B 194 -10.63 16.51 -5.85
C GLU B 194 -9.63 16.51 -4.72
N CYS B 195 -8.35 16.23 -5.01
CA CYS B 195 -7.37 16.15 -3.99
C CYS B 195 -5.97 16.26 -4.59
N HIS B 196 -5.19 17.22 -4.09
CA HIS B 196 -3.84 17.52 -4.54
C HIS B 196 -3.20 18.36 -3.49
N PRO B 197 -1.92 18.70 -3.64
CA PRO B 197 -1.28 19.46 -2.55
C PRO B 197 -1.79 20.88 -2.26
N TYR B 198 -2.52 21.52 -3.20
CA TYR B 198 -3.19 22.81 -2.92
C TYR B 198 -4.61 22.71 -2.35
N PHE B 199 -5.12 21.48 -2.25
CA PHE B 199 -6.41 21.18 -1.65
C PHE B 199 -6.35 19.72 -1.12
N ASN B 200 -5.70 19.52 0.01
CA ASN B 200 -5.28 18.16 0.35
C ASN B 200 -6.33 17.39 1.11
N GLN B 201 -7.46 18.04 1.37
CA GLN B 201 -8.62 17.39 1.92
C GLN B 201 -8.42 16.66 3.25
N ARG B 202 -7.46 17.11 4.04
CA ARG B 202 -7.14 16.37 5.24
C ARG B 202 -8.37 16.08 6.12
N LYS B 203 -9.24 17.06 6.35
CA LYS B 203 -10.37 16.82 7.27
C LYS B 203 -11.28 15.74 6.68
N LEU B 204 -11.61 15.87 5.40
CA LEU B 204 -12.47 14.88 4.76
C LEU B 204 -11.77 13.52 4.76
N LEU B 205 -10.46 13.53 4.48
CA LEU B 205 -9.70 12.26 4.47
C LEU B 205 -9.78 11.54 5.81
N ASP B 206 -9.51 12.28 6.89
CA ASP B 206 -9.58 11.72 8.22
C ASP B 206 -10.94 11.20 8.54
N PHE B 207 -12.01 11.90 8.14
CA PHE B 207 -13.31 11.38 8.40
C PHE B 207 -13.47 10.05 7.64
N CYS B 208 -13.12 10.03 6.37
CA CYS B 208 -13.25 8.79 5.57
C CYS B 208 -12.51 7.62 6.19
N LYS B 209 -11.25 7.84 6.57
CA LYS B 209 -10.47 6.81 7.24
C LYS B 209 -11.16 6.28 8.50
N SER B 210 -11.68 7.18 9.32
CA SER B 210 -12.39 6.77 10.55
C SER B 210 -13.56 5.82 10.24
N LYS B 211 -14.07 5.84 9.01
CA LYS B 211 -15.22 4.96 8.60
C LYS B 211 -14.81 3.83 7.67
N ASP B 212 -13.51 3.64 7.54
CA ASP B 212 -12.93 2.79 6.51
C ASP B 212 -13.51 3.04 5.07
N ILE B 213 -13.65 4.32 4.71
CA ILE B 213 -13.93 4.73 3.34
C ILE B 213 -12.63 5.21 2.72
N VAL B 214 -12.27 4.67 1.56
CA VAL B 214 -11.10 5.11 0.83
C VAL B 214 -11.41 6.41 0.07
N LEU B 215 -10.55 7.38 0.20
CA LEU B 215 -10.63 8.57 -0.59
C LEU B 215 -9.83 8.35 -1.85
N VAL B 216 -10.45 8.69 -2.98
CA VAL B 216 -9.88 8.53 -4.28
C VAL B 216 -9.74 9.95 -4.87
N ALA B 217 -8.52 10.32 -5.21
CA ALA B 217 -8.16 11.65 -5.63
C ALA B 217 -8.27 11.86 -7.13
N TYR B 218 -9.10 12.80 -7.53
CA TYR B 218 -9.08 13.30 -8.88
C TYR B 218 -8.48 14.69 -8.95
N SER B 219 -8.14 15.09 -10.17
CA SER B 219 -7.37 16.31 -10.43
C SER B 219 -6.13 16.36 -9.60
N ALA B 220 -5.55 15.18 -9.39
CA ALA B 220 -4.39 15.05 -8.52
C ALA B 220 -3.13 15.72 -9.14
N LEU B 221 -3.14 15.99 -10.45
CA LEU B 221 -2.09 16.77 -11.15
C LEU B 221 -2.51 18.20 -11.39
N GLY B 222 -3.54 18.67 -10.70
CA GLY B 222 -3.95 20.06 -10.87
C GLY B 222 -5.07 20.27 -11.89
N SER B 223 -5.68 19.17 -12.33
CA SER B 223 -6.85 19.16 -13.21
C SER B 223 -6.51 19.39 -14.67
N HIS B 224 -7.54 19.16 -15.47
CA HIS B 224 -7.50 19.39 -16.92
C HIS B 224 -7.50 20.86 -17.27
N ARG B 225 -7.84 21.74 -16.31
CA ARG B 225 -7.86 23.22 -16.52
C ARG B 225 -8.75 23.72 -17.70
N GLU B 226 -9.74 22.92 -18.09
CA GLU B 226 -10.65 23.25 -19.20
C GLU B 226 -11.57 24.37 -18.74
N GLU B 227 -11.59 25.48 -19.46
CA GLU B 227 -12.58 26.54 -19.20
C GLU B 227 -13.93 26.16 -19.79
N PRO B 228 -15.02 26.67 -19.23
CA PRO B 228 -15.18 27.52 -18.03
C PRO B 228 -15.13 26.72 -16.69
N TRP B 229 -14.97 25.42 -16.69
CA TRP B 229 -14.91 24.63 -15.44
C TRP B 229 -13.89 25.00 -14.42
N VAL B 230 -12.77 25.42 -14.90
CA VAL B 230 -11.65 25.78 -14.08
C VAL B 230 -11.17 27.21 -14.36
N ASP B 231 -11.03 27.97 -13.28
CA ASP B 231 -10.71 29.38 -13.35
C ASP B 231 -9.32 29.51 -13.89
N PRO B 232 -9.17 30.19 -15.04
CA PRO B 232 -7.84 30.27 -15.69
C PRO B 232 -6.81 31.05 -14.85
N ASN B 233 -7.24 31.80 -13.85
CA ASN B 233 -6.31 32.46 -12.94
C ASN B 233 -5.85 31.56 -11.80
N SER B 234 -6.44 30.38 -11.62
CA SER B 234 -6.03 29.48 -10.55
C SER B 234 -4.55 29.17 -10.77
N PRO B 235 -3.77 29.08 -9.70
CA PRO B 235 -2.36 28.67 -9.92
C PRO B 235 -2.18 27.26 -10.56
N VAL B 236 -1.13 27.08 -11.35
CA VAL B 236 -0.82 25.84 -12.01
C VAL B 236 -0.04 24.96 -11.00
N LEU B 237 -0.65 23.88 -10.56
CA LEU B 237 -0.06 23.05 -9.48
C LEU B 237 1.32 22.64 -9.80
N LEU B 238 1.52 22.09 -11.00
CA LEU B 238 2.80 21.45 -11.31
C LEU B 238 3.96 22.42 -11.49
N GLU B 239 3.71 23.75 -11.45
CA GLU B 239 4.79 24.74 -11.42
C GLU B 239 5.22 25.04 -9.98
N ASP B 240 4.62 24.38 -8.99
CA ASP B 240 4.97 24.67 -7.60
C ASP B 240 6.48 24.44 -7.23
N PRO B 241 7.09 25.42 -6.58
CA PRO B 241 8.51 25.29 -6.33
C PRO B 241 8.85 24.21 -5.34
N VAL B 242 8.00 23.94 -4.38
CA VAL B 242 8.28 22.82 -3.51
C VAL B 242 8.21 21.49 -4.27
N LEU B 243 7.17 21.35 -5.09
CA LEU B 243 7.07 20.16 -5.93
C LEU B 243 8.24 20.07 -6.88
N CYS B 244 8.63 21.17 -7.50
CA CYS B 244 9.79 21.11 -8.41
C CYS B 244 11.11 20.78 -7.71
N ALA B 245 11.36 21.32 -6.52
CA ALA B 245 12.52 20.98 -5.74
C ALA B 245 12.56 19.47 -5.34
N LEU B 246 11.45 18.92 -4.94
CA LEU B 246 11.41 17.50 -4.63
C LEU B 246 11.60 16.65 -5.89
N ALA B 247 11.06 17.11 -7.01
CA ALA B 247 11.25 16.40 -8.24
C ALA B 247 12.74 16.38 -8.63
N LYS B 248 13.42 17.50 -8.55
CA LYS B 248 14.84 17.55 -8.86
C LYS B 248 15.66 16.66 -7.91
N LYS B 249 15.38 16.75 -6.63
CA LYS B 249 16.06 15.96 -5.63
C LYS B 249 15.92 14.45 -5.90
N HIS B 250 14.75 14.01 -6.28
CA HIS B 250 14.43 12.63 -6.55
C HIS B 250 14.73 12.16 -7.99
N LYS B 251 15.12 13.09 -8.86
CA LYS B 251 15.23 12.85 -10.28
C LYS B 251 13.94 12.30 -10.89
N ARG B 252 12.84 12.89 -10.47
CA ARG B 252 11.57 12.53 -10.95
C ARG B 252 10.98 13.78 -11.52
N THR B 253 9.67 13.84 -11.58
CA THR B 253 8.94 14.99 -12.03
C THR B 253 7.95 15.51 -10.96
N PRO B 254 7.56 16.84 -11.16
CA PRO B 254 6.58 17.33 -10.19
C PRO B 254 5.30 16.50 -10.18
N ALA B 255 4.83 16.04 -11.33
CA ALA B 255 3.67 15.20 -11.39
C ALA B 255 3.84 13.91 -10.57
N LEU B 256 4.99 13.27 -10.68
CA LEU B 256 5.25 12.10 -9.93
C LEU B 256 5.28 12.37 -8.46
N ILE B 257 5.76 13.56 -8.04
CA ILE B 257 5.78 13.93 -6.61
C ILE B 257 4.34 14.06 -6.09
N ALA B 258 3.52 14.76 -6.86
CA ALA B 258 2.11 14.89 -6.53
C ALA B 258 1.37 13.55 -6.37
N LEU B 259 1.63 12.62 -7.29
CA LEU B 259 1.01 11.29 -7.19
C LEU B 259 1.53 10.50 -5.99
N ARG B 260 2.82 10.54 -5.75
CA ARG B 260 3.39 9.72 -4.69
C ARG B 260 2.93 10.18 -3.33
N TYR B 261 2.78 11.48 -3.17
CA TYR B 261 2.19 12.07 -1.95
C TYR B 261 0.87 11.43 -1.57
N GLN B 262 -0.03 11.27 -2.55
CA GLN B 262 -1.33 10.65 -2.27
C GLN B 262 -1.11 9.20 -1.81
N LEU B 263 -0.25 8.46 -2.49
CA LEU B 263 -0.11 7.02 -2.08
C LEU B 263 0.36 6.93 -0.66
N GLN B 264 1.26 7.82 -0.24
CA GLN B 264 1.82 7.67 1.10
C GLN B 264 0.90 8.14 2.19
N ARG B 265 -0.10 8.95 1.87
CA ARG B 265 -1.14 9.32 2.87
C ARG B 265 -2.36 8.47 2.83
N GLY B 266 -2.29 7.32 2.15
CA GLY B 266 -3.40 6.35 2.18
C GLY B 266 -4.53 6.65 1.17
N VAL B 267 -4.26 7.47 0.17
CA VAL B 267 -5.26 7.81 -0.82
C VAL B 267 -4.97 7.04 -2.08
N VAL B 268 -6.00 6.56 -2.73
CA VAL B 268 -5.89 6.03 -4.08
C VAL B 268 -5.92 7.17 -5.08
N VAL B 269 -4.96 7.18 -5.99
CA VAL B 269 -4.78 8.34 -6.84
C VAL B 269 -5.01 8.01 -8.31
N LEU B 270 -5.73 8.91 -8.97
CA LEU B 270 -5.97 8.82 -10.39
C LEU B 270 -5.00 9.78 -11.12
N ALA B 271 -4.73 9.48 -12.36
CA ALA B 271 -3.90 10.33 -13.20
C ALA B 271 -4.32 10.14 -14.65
N LYS B 272 -4.78 11.23 -15.28
CA LYS B 272 -5.16 11.17 -16.67
C LYS B 272 -3.98 11.58 -17.50
N SER B 273 -3.66 10.78 -18.52
CA SER B 273 -2.79 11.25 -19.61
C SER B 273 -3.14 10.49 -20.88
N TYR B 274 -3.23 11.23 -22.00
CA TYR B 274 -3.42 10.63 -23.29
C TYR B 274 -2.10 10.64 -24.06
N ASN B 275 -0.98 10.86 -23.37
CA ASN B 275 0.37 10.90 -24.00
C ASN B 275 1.15 9.66 -23.60
N GLU B 276 1.64 8.93 -24.60
CA GLU B 276 2.37 7.71 -24.38
C GLU B 276 3.47 7.80 -23.30
N GLN B 277 4.30 8.83 -23.43
CA GLN B 277 5.45 9.02 -22.53
C GLN B 277 4.98 9.33 -21.08
N ARG B 278 3.99 10.19 -20.96
CA ARG B 278 3.52 10.56 -19.62
C ARG B 278 2.74 9.43 -18.95
N ILE B 279 2.08 8.59 -19.75
CA ILE B 279 1.35 7.42 -19.23
C ILE B 279 2.33 6.48 -18.57
N ARG B 280 3.42 6.22 -19.28
CA ARG B 280 4.48 5.33 -18.78
C ARG B 280 5.22 5.99 -17.63
N GLN B 281 5.43 7.29 -17.75
CA GLN B 281 6.05 8.00 -16.63
C GLN B 281 5.26 7.89 -15.31
N ASN B 282 3.95 7.95 -15.38
CA ASN B 282 3.12 8.06 -14.17
C ASN B 282 3.12 6.78 -13.39
N VAL B 283 3.35 5.67 -14.09
CA VAL B 283 3.52 4.37 -13.44
C VAL B 283 4.81 4.32 -12.59
N GLN B 284 5.77 5.21 -12.89
CA GLN B 284 6.99 5.30 -12.04
C GLN B 284 6.69 5.68 -10.59
N VAL B 285 5.47 6.05 -10.27
CA VAL B 285 5.10 6.43 -8.90
C VAL B 285 5.47 5.29 -7.91
N PHE B 286 5.55 4.05 -8.39
CA PHE B 286 5.96 2.91 -7.49
C PHE B 286 7.45 2.67 -7.43
N GLU B 287 8.28 3.57 -8.03
CA GLU B 287 9.72 3.37 -8.05
C GLU B 287 10.52 4.19 -7.07
N PHE B 288 9.87 5.02 -6.25
CA PHE B 288 10.58 5.76 -5.23
C PHE B 288 9.65 6.08 -4.09
N GLN B 289 10.19 6.73 -3.06
CA GLN B 289 9.44 7.06 -1.85
C GLN B 289 9.84 8.41 -1.31
N LEU B 290 8.92 9.10 -0.66
CA LEU B 290 9.17 10.45 -0.12
C LEU B 290 9.43 10.26 1.36
N THR B 291 10.39 11.04 1.89
CA THR B 291 10.69 11.00 3.29
C THR B 291 9.63 11.79 4.07
N SER B 292 9.64 11.64 5.41
CA SER B 292 8.66 12.36 6.24
C SER B 292 8.84 13.85 6.06
N GLU B 293 10.07 14.31 5.96
CA GLU B 293 10.36 15.73 5.69
C GLU B 293 9.72 16.21 4.41
N GLU B 294 9.80 15.40 3.36
CA GLU B 294 9.23 15.80 2.09
C GLU B 294 7.70 15.77 2.12
N MET B 295 7.15 14.79 2.83
CA MET B 295 5.69 14.75 3.00
C MET B 295 5.19 16.00 3.78
N LYS B 296 5.89 16.35 4.84
CA LYS B 296 5.54 17.56 5.59
C LYS B 296 5.61 18.83 4.74
N ALA B 297 6.64 18.95 3.89
CA ALA B 297 6.72 20.10 2.99
C ALA B 297 5.53 20.16 2.04
N ILE B 298 5.07 18.98 1.56
CA ILE B 298 3.94 18.93 0.66
C ILE B 298 2.66 19.28 1.41
N ASP B 299 2.49 18.71 2.62
CA ASP B 299 1.37 19.05 3.43
C ASP B 299 1.28 20.55 3.56
N GLY B 300 2.41 21.21 3.72
CA GLY B 300 2.38 22.67 3.94
C GLY B 300 1.91 23.52 2.77
N LEU B 301 1.78 22.92 1.58
CA LEU B 301 1.30 23.64 0.37
C LEU B 301 -0.20 23.91 0.41
N ASN B 302 -0.92 23.26 1.32
CA ASN B 302 -2.38 23.34 1.31
C ASN B 302 -2.83 24.77 1.32
N ARG B 303 -3.75 25.13 0.43
CA ARG B 303 -4.04 26.56 0.34
C ARG B 303 -5.44 26.86 -0.17
N ASN B 304 -6.37 25.92 0.03
CA ASN B 304 -7.74 26.16 -0.33
C ASN B 304 -7.99 26.50 -1.78
N VAL B 305 -7.24 25.92 -2.70
CA VAL B 305 -7.47 26.11 -4.09
C VAL B 305 -8.22 24.89 -4.62
N ARG B 306 -9.54 25.07 -4.87
CA ARG B 306 -10.36 24.09 -5.49
C ARG B 306 -10.48 24.41 -6.97
N TYR B 307 -10.00 23.53 -7.86
CA TYR B 307 -10.10 23.78 -9.28
C TYR B 307 -11.51 23.59 -9.83
N LEU B 308 -12.18 22.55 -9.41
CA LEU B 308 -13.48 22.14 -9.84
CA LEU B 308 -13.48 22.16 -9.84
C LEU B 308 -14.55 22.53 -8.83
N THR B 309 -14.99 23.77 -8.85
CA THR B 309 -16.02 24.18 -7.96
C THR B 309 -17.35 23.60 -8.36
N LEU B 310 -17.50 23.30 -9.63
CA LEU B 310 -18.72 22.90 -10.26
C LEU B 310 -19.90 23.79 -9.87
N ASP B 311 -19.67 25.07 -9.78
CA ASP B 311 -20.68 25.96 -9.21
C ASP B 311 -21.88 26.22 -10.13
N ILE B 312 -21.82 25.76 -11.36
CA ILE B 312 -23.05 25.71 -12.11
C ILE B 312 -24.04 24.75 -11.46
N PHE B 313 -23.62 23.89 -10.49
CA PHE B 313 -24.55 23.03 -9.79
C PHE B 313 -24.95 23.53 -8.41
N ALA B 314 -24.53 24.74 -8.08
CA ALA B 314 -24.84 25.35 -6.76
C ALA B 314 -26.32 25.76 -6.66
N GLY B 315 -26.79 25.85 -5.43
CA GLY B 315 -28.14 26.28 -5.12
C GLY B 315 -28.79 25.23 -4.26
N PRO B 316 -29.00 24.06 -4.79
CA PRO B 316 -29.67 23.03 -3.96
C PRO B 316 -28.88 22.63 -2.73
N PRO B 317 -29.58 22.18 -1.68
CA PRO B 317 -28.83 21.85 -0.45
C PRO B 317 -27.75 20.78 -0.61
N ASN B 318 -27.88 19.88 -1.57
CA ASN B 318 -26.89 18.83 -1.73
C ASN B 318 -25.65 19.30 -2.44
N TYR B 319 -25.58 20.57 -2.87
CA TYR B 319 -24.34 21.10 -3.41
C TYR B 319 -23.29 20.86 -2.31
N PRO B 320 -22.20 20.19 -2.66
CA PRO B 320 -21.31 19.69 -1.60
C PRO B 320 -20.20 20.62 -1.08
N PHE B 321 -19.85 21.66 -1.82
CA PHE B 321 -18.59 22.34 -1.55
C PHE B 321 -18.73 23.63 -0.73
N SER B 322 -19.90 23.97 -0.20
CA SER B 322 -19.94 25.19 0.62
C SER B 322 -19.69 24.90 2.09
N ASP B 323 -20.03 23.72 2.59
CA ASP B 323 -19.63 23.35 3.92
C ASP B 323 -18.08 23.35 4.04
N GLU B 324 -17.60 23.42 5.28
CA GLU B 324 -16.16 23.44 5.53
C GLU B 324 -15.52 22.13 4.98
N TYR B 325 -16.18 21.01 5.25
CA TYR B 325 -15.86 19.75 4.60
C TYR B 325 -17.03 18.80 4.66
PA NAP C . 6.81 -9.41 18.01
O1A NAP C . 7.08 -8.10 18.30
O2A NAP C . 6.09 -9.83 16.93
O5B NAP C . 5.89 -9.75 19.17
C5B NAP C . 5.25 -10.97 19.33
C4B NAP C . 4.77 -11.32 20.71
O4B NAP C . 3.51 -10.73 20.80
C3B NAP C . 4.58 -12.82 20.90
O3B NAP C . 5.04 -13.15 22.18
C2B NAP C . 3.09 -13.05 20.76
O2B NAP C . 2.55 -14.07 21.61
C1B NAP C . 2.49 -11.67 20.96
N9A NAP C . 1.30 -11.33 20.15
C8A NAP C . 1.12 -11.55 18.90
N7A NAP C . 0.01 -11.09 18.48
C5A NAP C . -0.61 -10.54 19.46
C6A NAP C . -1.91 -9.87 19.68
N6A NAP C . -2.77 -9.72 18.72
N1A NAP C . -2.15 -9.48 20.91
C2A NAP C . -1.29 -9.63 21.88
N3A NAP C . -0.12 -10.19 21.73
C4A NAP C . 0.26 -10.71 20.60
O3 NAP C . 7.99 -10.41 18.28
PN NAP C . 9.38 -10.75 17.62
O1N NAP C . 10.31 -10.02 18.34
O2N NAP C . 9.49 -12.11 17.54
O5D NAP C . 9.43 -10.11 16.19
C5D NAP C . 8.74 -10.66 15.11
C4D NAP C . 9.54 -11.43 14.08
O4D NAP C . 10.45 -10.63 13.36
C3D NAP C . 10.32 -12.65 14.56
O3D NAP C . 9.62 -13.80 14.90
C2D NAP C . 11.28 -12.81 13.40
O2D NAP C . 10.72 -13.53 12.36
C1D NAP C . 11.63 -11.36 13.05
N1N NAP C . 12.74 -10.90 13.88
C2N NAP C . 13.87 -10.60 13.36
C3N NAP C . 14.94 -10.19 14.08
C7N NAP C . 16.21 -9.86 13.32
O7N NAP C . 17.16 -9.69 14.00
N7N NAP C . 16.12 -9.79 11.97
C4N NAP C . 14.87 -10.03 15.41
C5N NAP C . 13.68 -10.33 16.01
C6N NAP C . 12.63 -10.77 15.20
P2B NAP C . 1.70 -15.18 21.07
O1X NAP C . 2.64 -15.80 20.28
O2X NAP C . 1.44 -15.94 22.18
O3X NAP C . 0.57 -14.67 20.36
C1 STR D . 19.87 -19.43 18.86
C2 STR D . 20.36 -20.65 19.59
C3 STR D . 21.83 -20.55 19.74
O3 STR D . 22.50 -21.54 19.70
C4 STR D . 22.41 -19.24 19.89
C5 STR D . 21.64 -18.16 19.88
C6 STR D . 22.30 -16.84 20.09
C7 STR D . 21.75 -15.79 19.15
C8 STR D . 20.25 -15.70 19.25
C9 STR D . 19.68 -17.04 18.84
C10 STR D . 20.15 -18.23 19.67
C11 STR D . 18.17 -16.95 18.66
C12 STR D . 17.85 -15.84 17.67
C13 STR D . 18.16 -14.61 18.44
C14 STR D . 19.66 -14.57 18.42
C15 STR D . 19.92 -13.14 18.82
C16 STR D . 18.71 -12.34 18.38
C17 STR D . 17.71 -13.30 17.84
C18 STR D . 17.63 -14.73 19.87
C19 STR D . 19.41 -18.35 21.00
C20 STR D . 16.27 -12.92 18.05
O20 STR D . 15.94 -11.95 18.68
C21 STR D . 15.20 -13.69 17.36
S SO4 E . 30.61 1.71 -9.73
O1 SO4 E . 31.06 2.27 -10.83
O2 SO4 E . 30.28 2.56 -8.75
O3 SO4 E . 29.58 1.00 -10.20
O4 SO4 E . 31.58 0.93 -9.30
PA NAP F . -5.35 15.27 -13.75
O1A NAP F . -5.38 16.00 -12.56
O2A NAP F . -5.13 13.90 -13.78
O5B NAP F . -4.42 15.99 -14.72
C5B NAP F . -4.32 15.73 -16.08
C4B NAP F . -3.52 16.71 -16.89
O4B NAP F . -2.16 16.55 -16.61
C3B NAP F . -3.68 16.41 -18.37
O3B NAP F . -3.69 17.64 -19.06
C2B NAP F . -2.46 15.60 -18.70
O2B NAP F . -2.03 15.80 -20.05
C1B NAP F . -1.45 16.09 -17.70
N9A NAP F . -0.42 15.12 -17.27
C8A NAP F . -0.63 13.86 -17.04
N7A NAP F . 0.42 13.27 -16.66
C5A NAP F . 1.39 14.13 -16.63
C6A NAP F . 2.84 14.11 -16.29
N6A NAP F . 3.44 13.01 -15.95
N1A NAP F . 3.49 15.24 -16.41
C2A NAP F . 2.93 16.38 -16.75
N3A NAP F . 1.64 16.46 -17.05
C4A NAP F . 0.85 15.39 -17.04
O3 NAP F . -6.71 15.64 -14.42
PN NAP F . -8.25 15.44 -14.15
O1N NAP F . -8.78 16.52 -13.47
O2N NAP F . -8.72 14.93 -15.33
O5D NAP F . -8.41 14.31 -13.10
C5D NAP F . -8.13 12.98 -13.31
C4D NAP F . -9.24 11.96 -13.57
O4D NAP F . -10.03 11.69 -12.45
C3D NAP F . -10.21 12.19 -14.73
O3D NAP F . -9.74 11.92 -16.02
C2D NAP F . -11.40 11.36 -14.32
O2D NAP F . -11.32 10.05 -14.74
C1D NAP F . -11.36 11.46 -12.80
N1N NAP F . -12.24 12.59 -12.40
C2N NAP F . -13.27 12.45 -11.68
C3N NAP F . -14.10 13.52 -11.34
C7N NAP F . -15.33 13.32 -10.51
O7N NAP F . -16.03 14.28 -10.40
N7N NAP F . -15.60 12.12 -10.05
C4N NAP F . -13.85 14.80 -11.71
C5N NAP F . -12.74 14.94 -12.46
C6N NAP F . -11.98 13.84 -12.79
P2B NAP F . -1.65 14.69 -20.99
O1X NAP F . -2.89 14.05 -21.17
O2X NAP F . -1.34 15.56 -21.99
O3X NAP F . -0.53 13.95 -20.47
C1 STR G . -21.49 18.07 -19.99
C2 STR G . -22.24 18.31 -21.28
C3 STR G . -21.54 19.35 -22.10
O3 STR G . -22.01 19.86 -23.10
C4 STR G . -20.22 19.72 -21.64
C5 STR G . -19.45 18.85 -21.02
C6 STR G . -17.96 18.95 -21.13
C7 STR G . -17.38 19.05 -19.73
C8 STR G . -17.88 17.97 -18.81
C9 STR G . -19.39 17.82 -18.83
C10 STR G . -20.04 17.79 -20.18
C11 STR G . -19.76 16.71 -17.84
C12 STR G . -19.48 17.20 -16.43
C13 STR G . -17.98 17.33 -16.35
C14 STR G . -17.56 18.35 -17.38
C15 STR G . -16.13 18.73 -17.11
C16 STR G . -16.00 18.51 -15.61
C17 STR G . -17.30 17.91 -15.11
C18 STR G . -17.49 15.92 -16.59
C19 STR G . -19.81 16.53 -20.96
C20 STR G . -16.83 16.92 -14.10
O20 STR G . -15.83 16.32 -14.34
C21 STR G . -17.59 16.72 -12.83
S SO4 H . -1.38 9.52 7.43
O1 SO4 H . -1.78 10.19 8.63
O2 SO4 H . -1.44 8.07 7.42
O3 SO4 H . -2.13 9.93 6.25
O4 SO4 H . 0.01 9.79 7.39
#